data_5HGD
#
_entry.id   5HGD
#
_cell.length_a   50.655
_cell.length_b   65.741
_cell.length_c   87.519
_cell.angle_alpha   67.97
_cell.angle_beta   89.80
_cell.angle_gamma   89.89
#
_symmetry.space_group_name_H-M   'P 1'
#
loop_
_entity.id
_entity.type
_entity.pdbx_description
1 polymer 'HLA class I histocompatibility antigen, A-24 alpha chain'
2 polymer Beta-2-microglobulin
3 polymer 'Protein Nef'
4 water water
#
loop_
_entity_poly.entity_id
_entity_poly.type
_entity_poly.pdbx_seq_one_letter_code
_entity_poly.pdbx_strand_id
1 'polypeptide(L)'
;MGSHSMRYFSTSVSRPGRGEPRFIAVGYVDDTQFVRFDSDAASQRMEPRAPWIEQEGPEYWDEETGKVKAHSQTDRENLR
IALRYYNQSEAGSHTLQMMFGCDVGSDGRFLRGYHQYAYDGKDYIALKEDLRSWTAADMAAQITKRKWEAAHVAEQQRAY
LEGTCVDGLRRYLENGKETLQRTDPPKTHMTHHPISDHEATLRCWALGFYPAEITLTWQRDGEDQTQDTELVETRPAGDG
TFQKWAAVVVPSGEEQRYTCHVQHEGLPKPLTLRW
;
A,D
2 'polypeptide(L)'
;MIQRTPKIQVYSRHPAENGKSNFLNCYVSGFHPSDIEVDLLKNGERIEKVEHSDLSFSKDWSFYLLYYTEFTPTEKDEYA
CRVNHVTLSQPKIVKWDRDM
;
B,E
3 'polypeptide(L)' RFPLTFGWCF C,F
#
# COMPACT_ATOMS: atom_id res chain seq x y z
N GLY A 2 -19.08 -30.43 30.38
CA GLY A 2 -18.23 -31.07 29.39
C GLY A 2 -16.76 -30.84 29.66
N SER A 3 -15.95 -30.89 28.62
CA SER A 3 -14.51 -30.67 28.74
C SER A 3 -14.19 -29.18 28.85
N HIS A 4 -13.03 -28.89 29.42
CA HIS A 4 -12.59 -27.52 29.57
C HIS A 4 -11.09 -27.39 29.31
N SER A 5 -10.65 -26.17 29.06
CA SER A 5 -9.26 -25.93 28.71
C SER A 5 -8.72 -24.70 29.42
N MET A 6 -7.43 -24.69 29.67
CA MET A 6 -6.74 -23.47 30.07
C MET A 6 -5.56 -23.25 29.14
N ARG A 7 -5.43 -22.03 28.64
CA ARG A 7 -4.32 -21.66 27.77
C ARG A 7 -3.67 -20.37 28.22
N TYR A 8 -2.35 -20.35 28.28
CA TYR A 8 -1.63 -19.09 28.35
C TYR A 8 -0.91 -18.87 27.02
N PHE A 9 -1.04 -17.68 26.46
CA PHE A 9 -0.30 -17.30 25.27
C PHE A 9 0.61 -16.11 25.59
N SER A 10 1.83 -16.12 25.07
CA SER A 10 2.63 -14.89 25.09
C SER A 10 3.17 -14.60 23.70
N THR A 11 3.35 -13.32 23.40
CA THR A 11 3.89 -12.90 22.13
C THR A 11 4.98 -11.87 22.35
N SER A 12 6.18 -12.16 21.86
CA SER A 12 7.30 -11.25 21.95
C SER A 12 7.66 -10.80 20.55
N VAL A 13 7.75 -9.49 20.35
CA VAL A 13 8.09 -8.92 19.06
C VAL A 13 9.26 -7.96 19.21
N SER A 14 10.38 -8.28 18.57
CA SER A 14 11.55 -7.41 18.62
C SER A 14 11.35 -6.19 17.73
N ARG A 15 11.92 -5.08 18.15
CA ARG A 15 11.79 -3.82 17.43
C ARG A 15 13.11 -3.06 17.52
N PRO A 16 14.05 -3.41 16.62
CA PRO A 16 15.39 -2.83 16.63
C PRO A 16 15.36 -1.30 16.62
N GLY A 17 16.13 -0.68 17.52
CA GLY A 17 16.17 0.77 17.61
C GLY A 17 14.90 1.38 18.17
N ARG A 18 14.12 0.57 18.87
CA ARG A 18 12.89 1.05 19.48
C ARG A 18 12.67 0.49 20.89
N GLY A 19 13.73 -0.06 21.48
CA GLY A 19 13.67 -0.54 22.85
C GLY A 19 13.56 -2.06 22.97
N GLU A 20 13.21 -2.51 24.17
CA GLU A 20 13.02 -3.94 24.43
C GLU A 20 11.88 -4.46 23.57
N PRO A 21 11.89 -5.77 23.28
CA PRO A 21 10.78 -6.36 22.52
C PRO A 21 9.45 -6.10 23.19
N ARG A 22 8.39 -5.91 22.39
CA ARG A 22 7.05 -5.78 22.92
C ARG A 22 6.61 -7.15 23.43
N PHE A 23 6.02 -7.18 24.62
CA PHE A 23 5.61 -8.45 25.22
C PHE A 23 4.17 -8.40 25.74
N ILE A 24 3.34 -9.27 25.19
CA ILE A 24 1.95 -9.35 25.58
C ILE A 24 1.59 -10.79 25.93
N ALA A 25 1.14 -11.02 27.16
CA ALA A 25 0.71 -12.34 27.60
C ALA A 25 -0.76 -12.31 27.99
N VAL A 26 -1.48 -13.39 27.72
CA VAL A 26 -2.89 -13.50 28.10
C VAL A 26 -3.22 -14.90 28.62
N GLY A 27 -4.24 -14.99 29.46
CA GLY A 27 -4.70 -16.27 29.95
C GLY A 27 -6.17 -16.49 29.68
N TYR A 28 -6.52 -17.71 29.29
CA TYR A 28 -7.90 -18.07 28.99
C TYR A 28 -8.33 -19.32 29.73
N VAL A 29 -9.60 -19.35 30.12
CA VAL A 29 -10.27 -20.60 30.43
C VAL A 29 -11.35 -20.78 29.39
N ASP A 30 -11.24 -21.85 28.60
CA ASP A 30 -12.11 -22.02 27.44
C ASP A 30 -12.02 -20.77 26.57
N ASP A 31 -13.15 -20.11 26.32
CA ASP A 31 -13.17 -18.93 25.47
C ASP A 31 -13.31 -17.65 26.28
N THR A 32 -12.91 -17.72 27.54
CA THR A 32 -13.02 -16.58 28.44
C THR A 32 -11.65 -16.12 28.91
N GLN A 33 -11.26 -14.92 28.52
CA GLN A 33 -10.00 -14.35 29.00
C GLN A 33 -10.12 -14.00 30.47
N PHE A 34 -9.07 -14.26 31.25
CA PHE A 34 -9.11 -13.92 32.68
C PHE A 34 -7.91 -13.14 33.21
N VAL A 35 -6.79 -13.17 32.49
CA VAL A 35 -5.65 -12.32 32.84
C VAL A 35 -4.94 -11.78 31.60
N ARG A 36 -4.12 -10.75 31.81
CA ARG A 36 -3.25 -10.21 30.77
C ARG A 36 -2.04 -9.51 31.36
N PHE A 37 -0.98 -9.42 30.57
CA PHE A 37 0.16 -8.57 30.86
C PHE A 37 0.62 -7.93 29.56
N ASP A 38 0.88 -6.63 29.61
CA ASP A 38 1.35 -5.89 28.43
C ASP A 38 2.52 -4.99 28.84
N SER A 39 3.69 -5.28 28.28
CA SER A 39 4.91 -4.57 28.65
C SER A 39 4.83 -3.06 28.43
N ASP A 40 3.92 -2.63 27.57
CA ASP A 40 3.77 -1.20 27.30
C ASP A 40 2.72 -0.54 28.18
N ALA A 41 2.04 -1.33 29.00
CA ALA A 41 1.05 -0.79 29.91
C ALA A 41 1.73 -0.18 31.14
N ALA A 42 1.00 0.66 31.85
CA ALA A 42 1.59 1.42 32.95
C ALA A 42 1.78 0.59 34.21
N SER A 43 0.86 -0.34 34.47
CA SER A 43 0.89 -1.11 35.72
C SER A 43 2.15 -1.97 35.86
N GLN A 44 2.58 -2.59 34.77
CA GLN A 44 3.65 -3.60 34.82
C GLN A 44 3.25 -4.72 35.77
N ARG A 45 1.96 -5.06 35.75
CA ARG A 45 1.40 -6.12 36.58
C ARG A 45 0.58 -7.08 35.74
N MET A 46 0.51 -8.34 36.15
CA MET A 46 -0.52 -9.22 35.62
C MET A 46 -1.84 -8.64 36.09
N GLU A 47 -2.81 -8.52 35.20
CA GLU A 47 -4.07 -7.86 35.55
C GLU A 47 -5.26 -8.79 35.32
N PRO A 48 -6.31 -8.62 36.12
CA PRO A 48 -7.56 -9.39 35.98
C PRO A 48 -8.37 -8.91 34.78
N ARG A 49 -9.02 -9.84 34.11
CA ARG A 49 -9.87 -9.52 32.96
C ARG A 49 -11.17 -10.32 33.00
N ALA A 50 -11.40 -11.00 34.11
CA ALA A 50 -12.66 -11.68 34.37
C ALA A 50 -13.01 -11.49 35.84
N PRO A 51 -14.31 -11.38 36.16
CA PRO A 51 -14.76 -11.10 37.52
C PRO A 51 -14.29 -12.15 38.53
N TRP A 52 -14.41 -13.42 38.16
CA TRP A 52 -14.14 -14.52 39.08
C TRP A 52 -12.67 -14.71 39.47
N ILE A 53 -11.77 -13.97 38.83
CA ILE A 53 -10.36 -14.04 39.18
C ILE A 53 -10.00 -12.91 40.13
N GLU A 54 -10.84 -11.89 40.17
CA GLU A 54 -10.60 -10.70 41.00
C GLU A 54 -10.48 -11.06 42.48
N GLN A 55 -11.11 -12.17 42.87
CA GLN A 55 -11.11 -12.59 44.26
C GLN A 55 -9.75 -13.12 44.74
N GLU A 56 -8.88 -13.48 43.81
CA GLU A 56 -7.53 -13.94 44.18
C GLU A 56 -6.84 -12.88 45.01
N GLY A 57 -6.07 -13.32 46.00
CA GLY A 57 -5.40 -12.39 46.90
C GLY A 57 -4.21 -11.69 46.30
N PRO A 58 -3.67 -10.68 47.02
CA PRO A 58 -2.51 -9.88 46.58
C PRO A 58 -1.32 -10.78 46.25
N GLU A 59 -1.15 -11.86 47.00
CA GLU A 59 -0.05 -12.78 46.76
C GLU A 59 -0.16 -13.43 45.39
N TYR A 60 -1.39 -13.71 44.95
CA TYR A 60 -1.62 -14.28 43.62
C TYR A 60 -1.07 -13.35 42.55
N TRP A 61 -1.46 -12.07 42.62
CA TRP A 61 -0.99 -11.12 41.64
C TRP A 61 0.52 -10.90 41.73
N ASP A 62 1.04 -10.89 42.96
CA ASP A 62 2.49 -10.81 43.18
C ASP A 62 3.23 -11.91 42.42
N GLU A 63 2.83 -13.15 42.65
CA GLU A 63 3.49 -14.29 42.04
C GLU A 63 3.25 -14.41 40.53
N GLU A 64 2.03 -14.21 40.09
CA GLU A 64 1.74 -14.22 38.65
C GLU A 64 2.55 -13.17 37.90
N THR A 65 2.65 -11.97 38.48
CA THR A 65 3.44 -10.89 37.87
C THR A 65 4.90 -11.31 37.77
N GLY A 66 5.43 -11.90 38.84
CA GLY A 66 6.81 -12.33 38.88
C GLY A 66 7.13 -13.33 37.79
N LYS A 67 6.29 -14.34 37.63
CA LYS A 67 6.50 -15.36 36.62
C LYS A 67 6.39 -14.81 35.20
N VAL A 68 5.37 -14.00 34.95
CA VAL A 68 5.13 -13.50 33.60
C VAL A 68 6.21 -12.48 33.21
N LYS A 69 6.66 -11.67 34.17
CA LYS A 69 7.75 -10.73 33.91
C LYS A 69 9.06 -11.46 33.68
N ALA A 70 9.29 -12.53 34.44
CA ALA A 70 10.48 -13.33 34.24
C ALA A 70 10.41 -14.01 32.86
N HIS A 71 9.20 -14.39 32.44
CA HIS A 71 9.07 -15.01 31.14
C HIS A 71 9.37 -14.06 29.99
N SER A 72 9.03 -12.78 30.16
CA SER A 72 9.31 -11.80 29.13
C SER A 72 10.81 -11.71 28.90
N GLN A 73 11.59 -11.82 29.96
CA GLN A 73 13.05 -11.76 29.83
C GLN A 73 13.61 -13.05 29.23
N THR A 74 12.99 -14.18 29.54
CA THR A 74 13.39 -15.46 28.98
C THR A 74 13.18 -15.50 27.47
N ASP A 75 12.03 -15.03 27.01
CA ASP A 75 11.74 -15.03 25.57
C ASP A 75 12.48 -13.89 24.88
N ARG A 76 12.87 -12.88 25.64
CA ARG A 76 13.69 -11.82 25.11
C ARG A 76 15.04 -12.40 24.68
N GLU A 77 15.64 -13.21 25.55
CA GLU A 77 16.92 -13.84 25.23
C GLU A 77 16.75 -14.88 24.14
N ASN A 78 15.64 -15.61 24.17
CA ASN A 78 15.35 -16.60 23.13
C ASN A 78 15.28 -15.96 21.74
N LEU A 79 14.75 -14.75 21.67
CA LEU A 79 14.74 -14.01 20.41
C LEU A 79 16.17 -13.76 19.92
N ARG A 80 17.06 -13.44 20.85
CA ARG A 80 18.47 -13.23 20.52
C ARG A 80 19.13 -14.53 20.08
N ILE A 81 18.85 -15.61 20.82
CA ILE A 81 19.38 -16.91 20.48
C ILE A 81 18.89 -17.35 19.09
N ALA A 82 17.61 -17.10 18.82
CA ALA A 82 17.03 -17.47 17.53
C ALA A 82 17.75 -16.77 16.38
N LEU A 83 18.12 -15.51 16.59
CA LEU A 83 18.87 -14.75 15.60
C LEU A 83 20.15 -15.48 15.21
N ARG A 84 20.89 -15.95 16.22
CA ARG A 84 22.12 -16.70 16.01
C ARG A 84 21.86 -17.99 15.25
N TYR A 85 20.92 -18.79 15.74
CA TYR A 85 20.60 -20.08 15.12
C TYR A 85 20.28 -19.91 13.63
N TYR A 86 19.52 -18.88 13.30
CA TYR A 86 19.07 -18.67 11.94
C TYR A 86 19.99 -17.73 11.15
N ASN A 87 21.06 -17.28 11.80
CA ASN A 87 21.99 -16.34 11.17
C ASN A 87 21.27 -15.15 10.56
N GLN A 88 20.46 -14.48 11.37
CA GLN A 88 19.70 -13.31 10.91
C GLN A 88 20.29 -12.04 11.51
N SER A 89 20.19 -10.92 10.79
CA SER A 89 20.75 -9.67 11.27
C SER A 89 19.88 -9.11 12.39
N GLU A 90 20.47 -8.28 13.25
CA GLU A 90 19.72 -7.71 14.36
C GLU A 90 19.00 -6.43 13.97
N ALA A 91 18.91 -6.19 12.67
CA ALA A 91 18.18 -5.03 12.17
C ALA A 91 16.70 -5.36 11.91
N GLY A 92 16.40 -6.63 11.71
CA GLY A 92 15.04 -7.06 11.41
C GLY A 92 14.19 -7.29 12.65
N SER A 93 12.87 -7.21 12.47
CA SER A 93 11.93 -7.50 13.55
C SER A 93 11.45 -8.95 13.47
N HIS A 94 11.47 -9.64 14.60
CA HIS A 94 11.08 -11.04 14.65
C HIS A 94 10.11 -11.33 15.79
N THR A 95 9.37 -12.44 15.66
CA THR A 95 8.32 -12.75 16.61
C THR A 95 8.53 -14.11 17.27
N LEU A 96 8.29 -14.18 18.57
CA LEU A 96 8.31 -15.44 19.28
C LEU A 96 7.01 -15.64 20.04
N GLN A 97 6.28 -16.70 19.71
CA GLN A 97 5.02 -16.99 20.38
C GLN A 97 5.14 -18.26 21.22
N MET A 98 4.55 -18.22 22.41
CA MET A 98 4.54 -19.36 23.32
C MET A 98 3.11 -19.71 23.68
N MET A 99 2.81 -21.00 23.73
CA MET A 99 1.53 -21.47 24.23
C MET A 99 1.73 -22.57 25.25
N PHE A 100 0.89 -22.59 26.27
CA PHE A 100 0.99 -23.55 27.35
C PHE A 100 -0.38 -23.75 27.96
N GLY A 101 -0.71 -24.97 28.36
CA GLY A 101 -1.97 -25.21 29.03
C GLY A 101 -2.37 -26.67 29.13
N CYS A 102 -3.60 -26.90 29.55
CA CYS A 102 -4.10 -28.25 29.76
C CYS A 102 -5.58 -28.36 29.48
N ASP A 103 -6.03 -29.59 29.23
CA ASP A 103 -7.44 -29.88 29.06
C ASP A 103 -7.88 -30.86 30.14
N VAL A 104 -9.14 -30.73 30.57
CA VAL A 104 -9.75 -31.73 31.45
C VAL A 104 -11.11 -32.15 30.91
N GLY A 105 -11.50 -33.39 31.18
CA GLY A 105 -12.80 -33.90 30.77
C GLY A 105 -13.91 -33.44 31.69
N SER A 106 -15.12 -33.93 31.44
CA SER A 106 -16.28 -33.56 32.24
C SER A 106 -16.07 -33.94 33.70
N ASP A 107 -15.33 -35.03 33.90
CA ASP A 107 -15.09 -35.55 35.24
C ASP A 107 -13.97 -34.82 35.99
N GLY A 108 -13.37 -33.82 35.33
CA GLY A 108 -12.31 -33.03 35.95
C GLY A 108 -10.94 -33.66 35.75
N ARG A 109 -10.92 -34.86 35.19
CA ARG A 109 -9.69 -35.60 34.99
C ARG A 109 -8.82 -34.99 33.90
N PHE A 110 -7.50 -35.05 34.08
CA PHE A 110 -6.55 -34.60 33.08
C PHE A 110 -6.85 -35.28 31.76
N LEU A 111 -6.69 -34.54 30.67
CA LEU A 111 -6.98 -35.08 29.35
C LEU A 111 -5.81 -34.84 28.41
N ARG A 112 -5.27 -33.62 28.45
CA ARG A 112 -4.21 -33.21 27.53
C ARG A 112 -3.36 -32.08 28.12
N GLY A 113 -2.08 -32.07 27.76
CA GLY A 113 -1.19 -30.98 28.12
C GLY A 113 -0.49 -30.43 26.89
N TYR A 114 -0.11 -29.14 26.94
CA TYR A 114 0.54 -28.49 25.80
C TYR A 114 1.66 -27.56 26.22
N HIS A 115 2.67 -27.47 25.36
CA HIS A 115 3.79 -26.57 25.59
C HIS A 115 4.52 -26.42 24.27
N GLN A 116 4.36 -25.27 23.62
CA GLN A 116 4.90 -25.11 22.28
C GLN A 116 5.26 -23.68 21.93
N TYR A 117 6.15 -23.54 20.96
CA TYR A 117 6.70 -22.25 20.54
C TYR A 117 6.62 -22.10 19.03
N ALA A 118 6.51 -20.86 18.57
CA ALA A 118 6.58 -20.55 17.15
C ALA A 118 7.50 -19.37 16.96
N TYR A 119 8.31 -19.42 15.90
CA TYR A 119 9.19 -18.30 15.57
C TYR A 119 8.75 -17.73 14.22
N ASP A 120 8.52 -16.41 14.20
CA ASP A 120 8.03 -15.75 12.99
C ASP A 120 6.84 -16.50 12.38
N GLY A 121 5.90 -16.89 13.24
CA GLY A 121 4.64 -17.45 12.79
C GLY A 121 4.63 -18.92 12.41
N LYS A 122 5.75 -19.62 12.54
CA LYS A 122 5.77 -21.05 12.23
C LYS A 122 6.34 -21.89 13.38
N ASP A 123 5.90 -23.15 13.43
CA ASP A 123 6.35 -24.10 14.46
C ASP A 123 7.85 -23.98 14.71
N TYR A 124 8.22 -23.89 15.97
CA TYR A 124 9.63 -23.99 16.36
C TYR A 124 9.85 -25.31 17.09
N ILE A 125 9.32 -25.41 18.31
CA ILE A 125 9.40 -26.66 19.07
C ILE A 125 8.11 -26.87 19.85
N ALA A 126 7.76 -28.12 20.10
CA ALA A 126 6.52 -28.43 20.82
C ALA A 126 6.65 -29.74 21.58
N LEU A 127 6.03 -29.78 22.76
CA LEU A 127 5.95 -30.99 23.54
C LEU A 127 4.95 -31.93 22.89
N LYS A 128 5.35 -33.16 22.64
CA LYS A 128 4.44 -34.13 22.05
C LYS A 128 3.34 -34.51 23.04
N GLU A 129 2.24 -35.04 22.52
CA GLU A 129 1.11 -35.44 23.36
C GLU A 129 1.51 -36.35 24.54
N ASP A 130 2.48 -37.22 24.33
CA ASP A 130 2.89 -38.12 25.42
C ASP A 130 3.63 -37.40 26.55
N LEU A 131 3.90 -36.11 26.34
CA LEU A 131 4.57 -35.28 27.34
C LEU A 131 5.94 -35.82 27.73
N ARG A 132 6.55 -36.59 26.85
CA ARG A 132 7.85 -37.20 27.13
C ARG A 132 8.88 -36.90 26.06
N SER A 133 8.44 -36.32 24.95
CA SER A 133 9.35 -36.07 23.84
C SER A 133 8.96 -34.79 23.10
N TRP A 134 9.88 -34.25 22.31
CA TRP A 134 9.67 -32.98 21.63
C TRP A 134 9.59 -33.13 20.11
N THR A 135 8.82 -32.24 19.48
CA THR A 135 8.81 -32.12 18.02
C THR A 135 9.53 -30.85 17.63
N ALA A 136 10.70 -30.96 17.03
CA ALA A 136 11.42 -29.81 16.51
C ALA A 136 11.09 -29.65 15.04
N ALA A 137 10.89 -28.42 14.60
CA ALA A 137 10.39 -28.16 13.25
C ALA A 137 11.51 -28.08 12.23
N ASP A 138 12.71 -27.73 12.68
CA ASP A 138 13.85 -27.55 11.78
C ASP A 138 15.17 -27.75 12.50
N MET A 139 16.28 -27.46 11.82
CA MET A 139 17.60 -27.71 12.41
C MET A 139 17.92 -26.81 13.60
N ALA A 140 17.37 -25.60 13.61
CA ALA A 140 17.56 -24.68 14.72
C ALA A 140 16.87 -25.22 15.97
N ALA A 141 15.61 -25.61 15.83
CA ALA A 141 14.85 -26.14 16.95
C ALA A 141 15.42 -27.48 17.44
N GLN A 142 16.12 -28.19 16.57
CA GLN A 142 16.77 -29.44 16.98
C GLN A 142 17.85 -29.17 18.01
N ILE A 143 18.50 -28.03 17.89
CA ILE A 143 19.51 -27.61 18.86
C ILE A 143 18.85 -27.45 20.24
N THR A 144 17.78 -26.67 20.28
CA THR A 144 17.00 -26.48 21.50
C THR A 144 16.49 -27.80 22.05
N LYS A 145 16.05 -28.68 21.15
CA LYS A 145 15.50 -29.97 21.55
C LYS A 145 16.54 -30.81 22.29
N ARG A 146 17.76 -30.85 21.77
CA ARG A 146 18.85 -31.55 22.46
C ARG A 146 19.11 -30.92 23.83
N LYS A 147 19.06 -29.60 23.90
CA LYS A 147 19.25 -28.91 25.18
C LYS A 147 18.18 -29.27 26.21
N TRP A 148 16.93 -29.30 25.77
CA TRP A 148 15.81 -29.58 26.67
C TRP A 148 15.77 -31.05 27.07
N GLU A 149 16.21 -31.92 26.17
CA GLU A 149 16.35 -33.34 26.49
C GLU A 149 17.37 -33.51 27.61
N ALA A 150 18.53 -32.89 27.46
CA ALA A 150 19.59 -32.97 28.45
C ALA A 150 19.18 -32.40 29.81
N ALA A 151 18.35 -31.35 29.78
CA ALA A 151 17.96 -30.68 31.01
C ALA A 151 16.68 -31.27 31.62
N HIS A 152 16.12 -32.28 30.95
CA HIS A 152 14.95 -32.97 31.47
C HIS A 152 13.74 -32.05 31.58
N VAL A 153 13.66 -31.06 30.71
CA VAL A 153 12.55 -30.11 30.74
C VAL A 153 11.20 -30.84 30.67
N ALA A 154 11.10 -31.84 29.81
CA ALA A 154 9.84 -32.55 29.59
C ALA A 154 9.28 -33.23 30.85
N GLU A 155 10.14 -33.88 31.62
CA GLU A 155 9.64 -34.52 32.84
C GLU A 155 9.12 -33.49 33.85
N GLN A 156 9.77 -32.33 33.90
CA GLN A 156 9.30 -31.25 34.76
C GLN A 156 7.92 -30.78 34.31
N GLN A 157 7.78 -30.53 33.01
CA GLN A 157 6.54 -29.96 32.49
C GLN A 157 5.41 -30.98 32.49
N ARG A 158 5.75 -32.24 32.31
CA ARG A 158 4.73 -33.29 32.39
C ARG A 158 4.08 -33.29 33.77
N ALA A 159 4.92 -33.26 34.81
CA ALA A 159 4.42 -33.29 36.19
C ALA A 159 3.54 -32.09 36.45
N TYR A 160 3.99 -30.93 35.99
CA TYR A 160 3.27 -29.69 36.19
C TYR A 160 1.92 -29.70 35.47
N LEU A 161 1.91 -30.17 34.22
CA LEU A 161 0.70 -30.21 33.42
C LEU A 161 -0.36 -31.14 34.01
N GLU A 162 0.08 -32.30 34.48
CA GLU A 162 -0.82 -33.29 35.04
C GLU A 162 -1.23 -32.96 36.48
N GLY A 163 -0.52 -32.01 37.08
CA GLY A 163 -0.77 -31.63 38.46
C GLY A 163 -1.20 -30.18 38.59
N THR A 164 -0.23 -29.30 38.86
CA THR A 164 -0.50 -27.88 39.07
C THR A 164 -1.47 -27.29 38.05
N CYS A 165 -1.23 -27.56 36.77
CA CYS A 165 -2.07 -26.97 35.72
C CYS A 165 -3.53 -27.36 35.88
N VAL A 166 -3.80 -28.66 35.85
CA VAL A 166 -5.18 -29.13 35.94
C VAL A 166 -5.78 -28.80 37.31
N ASP A 167 -4.94 -28.75 38.34
CA ASP A 167 -5.41 -28.32 39.66
C ASP A 167 -5.91 -26.89 39.56
N GLY A 168 -5.09 -26.02 38.97
CA GLY A 168 -5.46 -24.63 38.80
C GLY A 168 -6.72 -24.47 37.96
N LEU A 169 -6.81 -25.22 36.88
CA LEU A 169 -7.97 -25.16 36.01
C LEU A 169 -9.23 -25.55 36.79
N ARG A 170 -9.16 -26.65 37.51
CA ARG A 170 -10.32 -27.11 38.26
C ARG A 170 -10.77 -26.07 39.28
N ARG A 171 -9.82 -25.37 39.89
CA ARG A 171 -10.12 -24.29 40.82
C ARG A 171 -10.83 -23.12 40.16
N TYR A 172 -10.31 -22.67 39.02
CA TYR A 172 -10.91 -21.54 38.32
C TYR A 172 -12.34 -21.88 37.90
N LEU A 173 -12.53 -23.11 37.41
CA LEU A 173 -13.85 -23.57 36.99
C LEU A 173 -14.85 -23.50 38.14
N GLU A 174 -14.39 -23.82 39.35
CA GLU A 174 -15.24 -23.72 40.53
C GLU A 174 -15.51 -22.27 40.91
N ASN A 175 -14.46 -21.47 40.99
CA ASN A 175 -14.62 -20.05 41.32
C ASN A 175 -15.50 -19.28 40.32
N GLY A 176 -15.40 -19.64 39.05
CA GLY A 176 -16.18 -18.99 38.01
C GLY A 176 -17.32 -19.86 37.52
N LYS A 177 -17.85 -20.66 38.42
CA LYS A 177 -18.89 -21.65 38.11
C LYS A 177 -20.09 -21.04 37.37
N GLU A 178 -20.64 -19.96 37.91
CA GLU A 178 -21.87 -19.38 37.38
C GLU A 178 -21.76 -18.95 35.91
N THR A 179 -20.54 -18.62 35.47
CA THR A 179 -20.35 -18.11 34.11
C THR A 179 -19.60 -19.08 33.20
N LEU A 180 -18.59 -19.76 33.74
CA LEU A 180 -17.74 -20.65 32.94
C LEU A 180 -18.42 -21.94 32.50
N GLN A 181 -19.43 -22.37 33.27
CA GLN A 181 -20.10 -23.63 32.98
C GLN A 181 -21.31 -23.43 32.04
N ARG A 182 -21.56 -22.19 31.67
CA ARG A 182 -22.72 -21.85 30.84
C ARG A 182 -22.57 -22.39 29.42
N THR A 183 -23.70 -22.69 28.79
CA THR A 183 -23.73 -22.94 27.37
C THR A 183 -24.88 -22.19 26.71
N ASP A 184 -24.59 -21.02 26.17
CA ASP A 184 -25.59 -20.20 25.51
C ASP A 184 -25.79 -20.69 24.08
N PRO A 185 -27.02 -21.11 23.75
CA PRO A 185 -27.31 -21.63 22.40
C PRO A 185 -27.30 -20.48 21.40
N PRO A 186 -27.00 -20.76 20.13
CA PRO A 186 -27.06 -19.67 19.14
C PRO A 186 -28.50 -19.26 18.87
N LYS A 187 -28.74 -17.96 18.72
CA LYS A 187 -30.01 -17.48 18.18
C LYS A 187 -29.82 -17.37 16.68
N THR A 188 -30.65 -18.07 15.92
CA THR A 188 -30.45 -18.16 14.48
C THR A 188 -31.49 -17.41 13.67
N HIS A 189 -31.07 -16.90 12.52
CA HIS A 189 -32.01 -16.31 11.56
C HIS A 189 -31.41 -16.30 10.17
N MET A 190 -32.26 -16.05 9.17
CA MET A 190 -31.82 -15.99 7.79
C MET A 190 -32.00 -14.59 7.23
N THR A 191 -31.05 -14.14 6.41
CA THR A 191 -31.26 -12.94 5.60
C THR A 191 -31.24 -13.32 4.13
N HIS A 192 -31.84 -12.47 3.29
CA HIS A 192 -32.05 -12.79 1.89
C HIS A 192 -31.96 -11.51 1.07
N HIS A 193 -31.04 -11.47 0.11
CA HIS A 193 -30.87 -10.28 -0.72
C HIS A 193 -30.65 -10.62 -2.20
N PRO A 194 -31.53 -10.12 -3.07
CA PRO A 194 -31.33 -10.31 -4.52
C PRO A 194 -30.07 -9.59 -4.96
N ILE A 195 -29.25 -10.22 -5.80
CA ILE A 195 -28.00 -9.60 -6.25
C ILE A 195 -28.08 -9.25 -7.73
N SER A 196 -29.06 -9.83 -8.41
CA SER A 196 -29.30 -9.54 -9.82
C SER A 196 -30.73 -9.98 -10.09
N ASP A 197 -31.07 -10.12 -11.37
CA ASP A 197 -32.41 -10.55 -11.74
C ASP A 197 -32.58 -12.07 -11.62
N HIS A 198 -31.47 -12.79 -11.47
CA HIS A 198 -31.52 -14.25 -11.47
C HIS A 198 -30.82 -14.91 -10.28
N GLU A 199 -30.13 -14.13 -9.47
CA GLU A 199 -29.45 -14.68 -8.29
C GLU A 199 -29.77 -13.89 -7.03
N ALA A 200 -29.72 -14.58 -5.90
CA ALA A 200 -29.95 -13.97 -4.60
C ALA A 200 -28.98 -14.57 -3.59
N THR A 201 -28.67 -13.80 -2.54
CA THR A 201 -27.82 -14.29 -1.47
C THR A 201 -28.67 -14.80 -0.31
N LEU A 202 -28.33 -15.98 0.19
CA LEU A 202 -28.94 -16.48 1.42
C LEU A 202 -27.87 -16.53 2.49
N ARG A 203 -28.08 -15.82 3.59
CA ARG A 203 -27.10 -15.82 4.66
C ARG A 203 -27.68 -16.38 5.95
N CYS A 204 -27.01 -17.39 6.49
CA CYS A 204 -27.48 -18.07 7.69
C CYS A 204 -26.70 -17.56 8.87
N TRP A 205 -27.40 -17.04 9.87
CA TRP A 205 -26.76 -16.38 11.01
C TRP A 205 -26.86 -17.18 12.30
N ALA A 206 -25.79 -17.14 13.09
CA ALA A 206 -25.81 -17.66 14.45
C ALA A 206 -25.25 -16.59 15.37
N LEU A 207 -26.03 -16.17 16.35
CA LEU A 207 -25.65 -15.07 17.23
C LEU A 207 -25.78 -15.43 18.71
N GLY A 208 -25.02 -14.72 19.55
CA GLY A 208 -25.16 -14.82 20.99
C GLY A 208 -24.80 -16.16 21.62
N PHE A 209 -23.92 -16.92 20.97
CA PHE A 209 -23.60 -18.26 21.48
C PHE A 209 -22.27 -18.35 22.24
N TYR A 210 -22.20 -19.32 23.15
CA TYR A 210 -20.98 -19.63 23.90
C TYR A 210 -21.04 -21.09 24.33
N PRO A 211 -19.94 -21.85 24.17
CA PRO A 211 -18.61 -21.45 23.70
C PRO A 211 -18.56 -21.17 22.20
N ALA A 212 -17.39 -20.77 21.71
CA ALA A 212 -17.25 -20.30 20.32
C ALA A 212 -17.39 -21.42 19.30
N GLU A 213 -17.14 -22.66 19.73
CA GLU A 213 -17.20 -23.79 18.80
C GLU A 213 -18.59 -23.95 18.20
N ILE A 214 -18.65 -24.02 16.88
CA ILE A 214 -19.93 -24.14 16.19
C ILE A 214 -19.71 -24.62 14.76
N THR A 215 -20.73 -25.23 14.19
CA THR A 215 -20.67 -25.64 12.80
C THR A 215 -21.90 -25.16 12.04
N LEU A 216 -21.65 -24.36 10.99
CA LEU A 216 -22.70 -23.95 10.06
C LEU A 216 -22.45 -24.62 8.73
N THR A 217 -23.49 -25.24 8.18
CA THR A 217 -23.37 -25.96 6.92
C THR A 217 -24.57 -25.68 6.03
N TRP A 218 -24.31 -25.46 4.73
CA TRP A 218 -25.38 -25.32 3.75
C TRP A 218 -25.53 -26.60 2.93
N GLN A 219 -26.77 -27.03 2.75
CA GLN A 219 -27.07 -28.16 1.88
C GLN A 219 -28.02 -27.72 0.77
N ARG A 220 -27.90 -28.36 -0.39
CA ARG A 220 -28.85 -28.16 -1.47
C ARG A 220 -29.44 -29.50 -1.82
N ASP A 221 -30.76 -29.62 -1.70
CA ASP A 221 -31.43 -30.91 -1.87
C ASP A 221 -30.69 -32.02 -1.10
N GLY A 222 -30.33 -31.72 0.15
CA GLY A 222 -29.72 -32.72 1.03
C GLY A 222 -28.24 -32.97 0.87
N GLU A 223 -27.55 -32.12 0.12
CA GLU A 223 -26.13 -32.34 -0.17
C GLU A 223 -25.27 -31.14 0.22
N ASP A 224 -24.19 -31.39 0.96
CA ASP A 224 -23.30 -30.32 1.40
C ASP A 224 -22.81 -29.44 0.24
N GLN A 225 -22.92 -28.12 0.40
CA GLN A 225 -22.45 -27.17 -0.60
C GLN A 225 -21.08 -26.63 -0.25
N THR A 226 -20.20 -27.52 0.19
CA THR A 226 -18.89 -27.14 0.70
C THR A 226 -18.15 -26.08 -0.13
N GLN A 227 -18.10 -26.29 -1.45
CA GLN A 227 -17.24 -25.48 -2.30
C GLN A 227 -17.82 -24.13 -2.69
N ASP A 228 -19.12 -23.95 -2.51
CA ASP A 228 -19.80 -22.74 -2.99
C ASP A 228 -20.24 -21.81 -1.87
N THR A 229 -19.93 -22.18 -0.63
CA THR A 229 -20.37 -21.42 0.53
C THR A 229 -19.28 -20.48 1.05
N GLU A 230 -19.65 -19.24 1.34
CA GLU A 230 -18.73 -18.33 2.02
C GLU A 230 -18.95 -18.40 3.53
N LEU A 231 -17.90 -18.76 4.25
CA LEU A 231 -17.92 -18.91 5.69
C LEU A 231 -17.00 -17.88 6.28
N VAL A 232 -17.50 -17.07 7.21
CA VAL A 232 -16.66 -16.10 7.90
C VAL A 232 -16.14 -16.70 9.20
N GLU A 233 -15.01 -16.19 9.67
CA GLU A 233 -14.42 -16.67 10.91
C GLU A 233 -15.36 -16.35 12.07
N THR A 234 -15.43 -17.26 13.03
CA THR A 234 -16.21 -17.05 14.25
C THR A 234 -15.66 -15.82 14.97
N ARG A 235 -16.55 -14.93 15.41
CA ARG A 235 -16.13 -13.62 15.88
C ARG A 235 -16.78 -13.25 17.22
N PRO A 236 -16.08 -12.50 18.06
CA PRO A 236 -16.62 -12.11 19.36
C PRO A 236 -17.62 -10.97 19.25
N ALA A 237 -18.75 -11.08 19.95
CA ALA A 237 -19.72 -9.97 20.00
C ALA A 237 -19.21 -8.86 20.91
N GLY A 238 -18.29 -9.22 21.81
CA GLY A 238 -17.72 -8.26 22.75
C GLY A 238 -18.31 -8.36 24.14
N ASP A 239 -19.39 -9.14 24.27
CA ASP A 239 -20.08 -9.30 25.54
C ASP A 239 -19.89 -10.68 26.15
N GLY A 240 -18.93 -11.43 25.62
CA GLY A 240 -18.70 -12.79 26.07
C GLY A 240 -19.26 -13.86 25.13
N THR A 241 -20.15 -13.46 24.23
CA THR A 241 -20.71 -14.41 23.25
C THR A 241 -20.06 -14.26 21.88
N PHE A 242 -20.41 -15.15 20.96
CA PHE A 242 -19.81 -15.16 19.64
C PHE A 242 -20.84 -15.15 18.52
N GLN A 243 -20.37 -14.89 17.30
CA GLN A 243 -21.24 -14.81 16.14
C GLN A 243 -20.57 -15.50 14.96
N LYS A 244 -21.38 -15.94 14.01
CA LYS A 244 -20.85 -16.51 12.78
C LYS A 244 -21.96 -16.51 11.74
N TRP A 245 -21.60 -16.43 10.47
CA TRP A 245 -22.57 -16.67 9.41
C TRP A 245 -21.98 -17.46 8.26
N ALA A 246 -22.87 -17.99 7.44
CA ALA A 246 -22.49 -18.75 6.26
C ALA A 246 -23.47 -18.35 5.18
N ALA A 247 -22.96 -18.06 3.99
CA ALA A 247 -23.81 -17.61 2.91
C ALA A 247 -23.62 -18.41 1.63
N VAL A 248 -24.65 -18.46 0.79
CA VAL A 248 -24.57 -19.08 -0.51
C VAL A 248 -25.32 -18.20 -1.51
N VAL A 249 -24.84 -18.17 -2.75
CA VAL A 249 -25.53 -17.47 -3.83
C VAL A 249 -26.39 -18.47 -4.58
N VAL A 250 -27.67 -18.13 -4.73
CA VAL A 250 -28.70 -19.07 -5.13
C VAL A 250 -29.49 -18.54 -6.32
N PRO A 251 -29.91 -19.44 -7.22
CA PRO A 251 -30.77 -19.02 -8.34
C PRO A 251 -32.11 -18.52 -7.81
N SER A 252 -32.54 -17.35 -8.26
CA SER A 252 -33.80 -16.79 -7.83
C SER A 252 -34.94 -17.77 -8.07
N GLY A 253 -35.78 -17.96 -7.06
CA GLY A 253 -36.87 -18.90 -7.14
C GLY A 253 -36.53 -20.31 -6.69
N GLU A 254 -35.26 -20.55 -6.35
CA GLU A 254 -34.81 -21.88 -5.93
C GLU A 254 -34.38 -21.91 -4.47
N GLU A 255 -34.64 -20.81 -3.75
CA GLU A 255 -34.31 -20.72 -2.33
C GLU A 255 -34.71 -21.97 -1.52
N GLN A 256 -35.89 -22.52 -1.80
CA GLN A 256 -36.42 -23.61 -0.97
C GLN A 256 -35.62 -24.90 -1.05
N ARG A 257 -34.73 -25.00 -2.04
CA ARG A 257 -33.87 -26.18 -2.17
C ARG A 257 -32.73 -26.17 -1.15
N TYR A 258 -32.48 -25.01 -0.55
CA TYR A 258 -31.32 -24.84 0.32
C TYR A 258 -31.70 -24.87 1.79
N THR A 259 -30.88 -25.56 2.59
CA THR A 259 -31.09 -25.65 4.02
C THR A 259 -29.79 -25.35 4.77
N CYS A 260 -29.89 -24.57 5.83
CA CYS A 260 -28.74 -24.28 6.68
C CYS A 260 -28.83 -25.14 7.94
N HIS A 261 -27.73 -25.79 8.29
CA HIS A 261 -27.68 -26.65 9.46
C HIS A 261 -26.73 -26.11 10.50
N VAL A 262 -27.22 -25.98 11.72
CA VAL A 262 -26.47 -25.37 12.81
C VAL A 262 -26.24 -26.36 13.94
N GLN A 263 -24.97 -26.58 14.29
CA GLN A 263 -24.63 -27.48 15.37
C GLN A 263 -23.87 -26.73 16.45
N HIS A 264 -24.28 -26.92 17.70
CA HIS A 264 -23.65 -26.24 18.82
C HIS A 264 -23.96 -26.97 20.13
N GLU A 265 -22.99 -26.94 21.04
CA GLU A 265 -23.09 -27.65 22.32
C GLU A 265 -24.35 -27.29 23.12
N GLY A 266 -24.87 -26.09 22.90
CA GLY A 266 -26.01 -25.61 23.65
C GLY A 266 -27.37 -26.02 23.11
N LEU A 267 -27.38 -26.63 21.94
CA LEU A 267 -28.63 -27.06 21.31
C LEU A 267 -29.02 -28.47 21.73
N PRO A 268 -30.29 -28.65 22.13
CA PRO A 268 -30.80 -30.00 22.37
C PRO A 268 -30.62 -30.83 21.10
N LYS A 269 -31.01 -30.24 19.97
CA LYS A 269 -30.82 -30.85 18.66
C LYS A 269 -30.31 -29.83 17.66
N PRO A 270 -29.57 -30.28 16.63
CA PRO A 270 -29.10 -29.37 15.58
C PRO A 270 -30.28 -28.71 14.88
N LEU A 271 -30.12 -27.45 14.49
CA LEU A 271 -31.19 -26.73 13.84
C LEU A 271 -31.08 -26.76 12.31
N THR A 272 -32.23 -26.65 11.65
CA THR A 272 -32.28 -26.52 10.21
C THR A 272 -33.06 -25.25 9.87
N LEU A 273 -32.45 -24.39 9.05
CA LEU A 273 -33.08 -23.15 8.62
C LEU A 273 -33.34 -23.21 7.12
N ARG A 274 -34.50 -22.73 6.69
CA ARG A 274 -34.85 -22.71 5.28
C ARG A 274 -35.62 -21.43 4.99
N TRP A 275 -35.30 -20.77 3.87
CA TRP A 275 -36.01 -19.55 3.48
C TRP A 275 -37.31 -19.87 2.76
N MET B 1 10.39 -15.38 5.70
CA MET B 1 9.22 -15.27 6.56
C MET B 1 7.95 -15.12 5.72
N ILE B 2 6.90 -15.83 6.13
CA ILE B 2 5.63 -15.79 5.39
C ILE B 2 4.62 -14.89 6.09
N GLN B 3 4.07 -13.95 5.33
CA GLN B 3 3.09 -13.01 5.86
C GLN B 3 1.67 -13.49 5.63
N ARG B 4 0.76 -13.06 6.50
CA ARG B 4 -0.65 -13.39 6.34
C ARG B 4 -1.50 -12.13 6.47
N THR B 5 -2.33 -11.87 5.48
CA THR B 5 -3.15 -10.67 5.46
C THR B 5 -4.38 -10.84 6.33
N PRO B 6 -4.78 -9.79 7.03
CA PRO B 6 -5.91 -9.90 7.96
C PRO B 6 -7.23 -10.19 7.24
N LYS B 7 -8.05 -11.03 7.84
CA LYS B 7 -9.46 -11.09 7.47
C LYS B 7 -10.14 -10.05 8.34
N ILE B 8 -10.94 -9.20 7.71
CA ILE B 8 -11.51 -8.04 8.40
C ILE B 8 -13.02 -8.11 8.42
N GLN B 9 -13.59 -7.96 9.61
CA GLN B 9 -15.05 -7.97 9.74
C GLN B 9 -15.49 -6.79 10.59
N VAL B 10 -16.40 -6.00 10.06
CA VAL B 10 -16.94 -4.88 10.82
C VAL B 10 -18.45 -5.08 11.00
N TYR B 11 -18.91 -4.95 12.22
CA TYR B 11 -20.26 -5.36 12.58
C TYR B 11 -20.65 -4.80 13.93
N SER B 12 -21.94 -4.88 14.24
CA SER B 12 -22.44 -4.41 15.52
C SER B 12 -22.65 -5.60 16.44
N ARG B 13 -22.54 -5.36 17.74
CA ARG B 13 -22.78 -6.41 18.72
C ARG B 13 -24.17 -7.01 18.57
N HIS B 14 -25.16 -6.13 18.40
CA HIS B 14 -26.54 -6.56 18.17
C HIS B 14 -27.01 -6.04 16.82
N PRO B 15 -28.02 -6.69 16.23
CA PRO B 15 -28.56 -6.15 14.98
C PRO B 15 -28.92 -4.67 15.17
N ALA B 16 -28.50 -3.82 14.24
CA ALA B 16 -28.66 -2.38 14.40
C ALA B 16 -30.12 -1.93 14.41
N GLU B 17 -30.43 -1.06 15.35
CA GLU B 17 -31.71 -0.36 15.37
C GLU B 17 -31.44 1.13 15.59
N ASN B 18 -31.81 1.96 14.62
CA ASN B 18 -31.59 3.40 14.75
C ASN B 18 -32.13 3.93 16.07
N GLY B 19 -31.27 4.66 16.79
CA GLY B 19 -31.67 5.27 18.04
C GLY B 19 -31.44 4.39 19.26
N LYS B 20 -31.01 3.16 19.02
CA LYS B 20 -30.72 2.22 20.11
C LYS B 20 -29.22 2.03 20.29
N SER B 21 -28.75 2.22 21.52
CA SER B 21 -27.34 2.10 21.84
C SER B 21 -26.81 0.70 21.51
N ASN B 22 -25.54 0.63 21.12
CA ASN B 22 -24.96 -0.59 20.57
C ASN B 22 -23.45 -0.54 20.70
N PHE B 23 -22.78 -1.49 20.05
CA PHE B 23 -21.32 -1.49 19.97
C PHE B 23 -20.92 -1.78 18.54
N LEU B 24 -19.99 -0.98 18.03
CA LEU B 24 -19.43 -1.19 16.71
C LEU B 24 -18.12 -1.96 16.85
N ASN B 25 -18.02 -3.09 16.16
CA ASN B 25 -16.85 -3.95 16.25
C ASN B 25 -16.05 -3.99 14.94
N CYS B 26 -14.73 -4.06 15.07
CA CYS B 26 -13.91 -4.46 13.93
C CYS B 26 -12.99 -5.57 14.39
N TYR B 27 -13.21 -6.76 13.84
CA TYR B 27 -12.44 -7.94 14.23
C TYR B 27 -11.48 -8.28 13.10
N VAL B 28 -10.20 -8.30 13.42
CA VAL B 28 -9.17 -8.68 12.46
C VAL B 28 -8.49 -9.96 12.92
N SER B 29 -8.41 -10.94 12.02
CA SER B 29 -7.88 -12.25 12.38
C SER B 29 -7.04 -12.86 11.26
N GLY B 30 -6.35 -13.94 11.57
CA GLY B 30 -5.61 -14.70 10.59
C GLY B 30 -4.39 -13.99 10.00
N PHE B 31 -3.85 -13.02 10.74
CA PHE B 31 -2.78 -12.21 10.18
C PHE B 31 -1.41 -12.39 10.85
N HIS B 32 -0.37 -12.08 10.09
CA HIS B 32 1.00 -12.09 10.57
C HIS B 32 1.83 -11.20 9.66
N PRO B 33 2.72 -10.38 10.24
CA PRO B 33 3.00 -10.27 11.68
C PRO B 33 1.91 -9.53 12.45
N SER B 34 2.13 -9.36 13.76
CA SER B 34 1.12 -8.84 14.67
C SER B 34 0.98 -7.32 14.62
N ASP B 35 2.05 -6.65 14.19
CA ASP B 35 2.02 -5.19 14.06
C ASP B 35 0.89 -4.78 13.13
N ILE B 36 -0.06 -4.02 13.67
CA ILE B 36 -1.22 -3.64 12.89
C ILE B 36 -1.89 -2.39 13.48
N GLU B 37 -2.53 -1.60 12.63
CA GLU B 37 -3.28 -0.45 13.07
C GLU B 37 -4.71 -0.58 12.61
N VAL B 38 -5.64 -0.43 13.54
CA VAL B 38 -7.06 -0.53 13.20
C VAL B 38 -7.79 0.69 13.74
N ASP B 39 -8.50 1.38 12.84
CA ASP B 39 -9.25 2.57 13.23
C ASP B 39 -10.70 2.43 12.79
N LEU B 40 -11.61 2.96 13.60
CA LEU B 40 -13.02 2.99 13.24
C LEU B 40 -13.36 4.39 12.77
N LEU B 41 -14.11 4.48 11.68
CA LEU B 41 -14.42 5.77 11.08
C LEU B 41 -15.92 6.05 11.10
N LYS B 42 -16.29 7.26 11.48
CA LYS B 42 -17.66 7.71 11.41
C LYS B 42 -17.77 8.81 10.35
N ASN B 43 -18.50 8.53 9.28
CA ASN B 43 -18.61 9.45 8.15
C ASN B 43 -17.23 9.92 7.67
N GLY B 44 -16.28 9.00 7.65
CA GLY B 44 -14.95 9.30 7.15
C GLY B 44 -13.98 9.85 8.19
N GLU B 45 -14.47 10.17 9.39
CA GLU B 45 -13.59 10.69 10.44
C GLU B 45 -13.28 9.65 11.51
N ARG B 46 -12.00 9.51 11.86
CA ARG B 46 -11.61 8.55 12.89
C ARG B 46 -12.28 8.85 14.23
N ILE B 47 -12.84 7.81 14.83
CA ILE B 47 -13.47 7.92 16.13
C ILE B 47 -12.39 7.98 17.22
N GLU B 48 -12.49 8.95 18.12
CA GLU B 48 -11.42 9.18 19.09
C GLU B 48 -11.24 8.06 20.10
N LYS B 49 -12.31 7.69 20.78
CA LYS B 49 -12.22 6.67 21.81
C LYS B 49 -12.63 5.29 21.30
N VAL B 50 -11.61 4.50 20.97
CA VAL B 50 -11.80 3.14 20.50
C VAL B 50 -10.90 2.23 21.31
N GLU B 51 -11.49 1.20 21.90
CA GLU B 51 -10.71 0.25 22.70
C GLU B 51 -10.47 -1.03 21.91
N HIS B 52 -9.47 -1.80 22.34
CA HIS B 52 -9.18 -3.06 21.67
C HIS B 52 -8.81 -4.17 22.66
N SER B 53 -8.94 -5.41 22.20
CA SER B 53 -8.60 -6.57 23.03
C SER B 53 -7.09 -6.74 23.11
N ASP B 54 -6.66 -7.61 24.02
CA ASP B 54 -5.26 -7.96 24.17
C ASP B 54 -4.85 -8.93 23.05
N LEU B 55 -3.72 -8.65 22.42
CA LEU B 55 -3.19 -9.51 21.37
C LEU B 55 -3.25 -10.99 21.74
N SER B 56 -3.92 -11.77 20.90
CA SER B 56 -4.01 -13.20 21.12
C SER B 56 -3.78 -13.88 19.77
N PHE B 57 -3.71 -15.21 19.76
CA PHE B 57 -3.56 -15.94 18.50
C PHE B 57 -4.28 -17.29 18.45
N SER B 58 -4.51 -17.77 17.24
CA SER B 58 -5.24 -19.02 17.03
C SER B 58 -4.29 -20.20 16.98
N LYS B 59 -4.86 -21.40 16.82
CA LYS B 59 -4.05 -22.62 16.88
C LYS B 59 -2.99 -22.67 15.78
N ASP B 60 -3.26 -22.00 14.65
CA ASP B 60 -2.27 -21.94 13.56
C ASP B 60 -1.24 -20.82 13.75
N TRP B 61 -1.27 -20.20 14.93
CA TRP B 61 -0.33 -19.15 15.31
C TRP B 61 -0.71 -17.76 14.79
N SER B 62 -1.70 -17.67 13.91
CA SER B 62 -2.10 -16.39 13.35
C SER B 62 -2.81 -15.52 14.39
N PHE B 63 -2.64 -14.21 14.29
CA PHE B 63 -3.10 -13.28 15.31
C PHE B 63 -4.54 -12.81 15.11
N TYR B 64 -5.20 -12.43 16.20
CA TYR B 64 -6.49 -11.76 16.13
C TYR B 64 -6.65 -10.66 17.17
N LEU B 65 -7.44 -9.65 16.82
CA LEU B 65 -7.70 -8.51 17.69
C LEU B 65 -9.13 -8.02 17.46
N LEU B 66 -9.77 -7.57 18.52
CA LEU B 66 -11.08 -6.94 18.42
C LEU B 66 -10.94 -5.47 18.79
N TYR B 67 -11.43 -4.59 17.92
CA TYR B 67 -11.51 -3.17 18.20
C TYR B 67 -12.98 -2.79 18.30
N TYR B 68 -13.31 -1.92 19.24
CA TYR B 68 -14.72 -1.66 19.51
C TYR B 68 -14.96 -0.33 20.18
N THR B 69 -16.17 0.20 19.99
CA THR B 69 -16.60 1.44 20.61
C THR B 69 -18.12 1.44 20.70
N GLU B 70 -18.66 2.04 21.76
CA GLU B 70 -20.11 2.15 21.88
C GLU B 70 -20.62 3.23 20.93
N PHE B 71 -21.78 2.98 20.34
CA PHE B 71 -22.36 3.96 19.42
C PHE B 71 -23.87 3.78 19.30
N THR B 72 -24.53 4.80 18.76
CA THR B 72 -25.97 4.75 18.54
C THR B 72 -26.25 5.01 17.06
N PRO B 73 -26.50 3.93 16.31
CA PRO B 73 -26.68 4.08 14.86
C PRO B 73 -27.85 4.99 14.53
N THR B 74 -27.70 5.79 13.48
CA THR B 74 -28.78 6.59 12.94
C THR B 74 -28.90 6.25 11.46
N GLU B 75 -29.94 6.76 10.80
CA GLU B 75 -30.15 6.45 9.40
C GLU B 75 -29.03 6.96 8.49
N LYS B 76 -28.51 8.16 8.79
CA LYS B 76 -27.57 8.81 7.88
C LYS B 76 -26.09 8.49 8.12
N ASP B 77 -25.74 8.20 9.37
CA ASP B 77 -24.35 7.95 9.73
C ASP B 77 -23.77 6.69 9.08
N GLU B 78 -22.64 6.87 8.41
CA GLU B 78 -21.91 5.76 7.79
C GLU B 78 -20.69 5.42 8.64
N TYR B 79 -20.45 4.12 8.80
CA TYR B 79 -19.28 3.67 9.56
C TYR B 79 -18.38 2.75 8.75
N ALA B 80 -17.12 2.68 9.14
CA ALA B 80 -16.15 1.86 8.45
C ALA B 80 -14.97 1.52 9.35
N CYS B 81 -14.21 0.51 8.96
CA CYS B 81 -13.01 0.13 9.69
C CYS B 81 -11.82 0.22 8.75
N ARG B 82 -10.79 0.93 9.18
CA ARG B 82 -9.59 1.11 8.37
C ARG B 82 -8.45 0.29 8.95
N VAL B 83 -7.93 -0.65 8.16
CA VAL B 83 -6.90 -1.56 8.63
C VAL B 83 -5.58 -1.32 7.93
N ASN B 84 -4.55 -1.03 8.72
CA ASN B 84 -3.23 -0.71 8.21
C ASN B 84 -2.28 -1.86 8.57
N HIS B 85 -1.77 -2.55 7.56
CA HIS B 85 -0.93 -3.74 7.78
C HIS B 85 0.11 -3.89 6.66
N VAL B 86 1.26 -4.48 7.00
CA VAL B 86 2.37 -4.59 6.06
C VAL B 86 1.99 -5.31 4.77
N THR B 87 1.00 -6.18 4.84
CA THR B 87 0.56 -6.95 3.69
C THR B 87 -0.34 -6.16 2.75
N LEU B 88 -0.74 -4.96 3.18
CA LEU B 88 -1.64 -4.11 2.41
C LEU B 88 -0.93 -2.87 1.88
N SER B 89 -0.83 -2.75 0.56
CA SER B 89 -0.12 -1.63 -0.05
C SER B 89 -0.72 -0.30 0.39
N GLN B 90 -2.04 -0.29 0.54
CA GLN B 90 -2.74 0.84 1.14
C GLN B 90 -3.74 0.29 2.15
N PRO B 91 -3.99 1.05 3.21
CA PRO B 91 -4.93 0.55 4.22
C PRO B 91 -6.24 0.10 3.59
N LYS B 92 -6.78 -1.02 4.08
CA LYS B 92 -8.06 -1.53 3.62
C LYS B 92 -9.18 -0.88 4.42
N ILE B 93 -10.12 -0.27 3.73
CA ILE B 93 -11.27 0.34 4.39
C ILE B 93 -12.51 -0.48 4.10
N VAL B 94 -13.09 -1.06 5.15
CA VAL B 94 -14.28 -1.87 5.01
C VAL B 94 -15.48 -1.15 5.59
N LYS B 95 -16.51 -0.94 4.78
CA LYS B 95 -17.71 -0.25 5.22
C LYS B 95 -18.61 -1.18 6.01
N TRP B 96 -19.19 -0.65 7.09
CA TRP B 96 -20.16 -1.40 7.87
C TRP B 96 -21.45 -1.61 7.09
N ASP B 97 -21.84 -2.87 6.95
CA ASP B 97 -23.07 -3.24 6.26
C ASP B 97 -23.97 -3.83 7.33
N ARG B 98 -25.01 -3.09 7.69
CA ARG B 98 -25.79 -3.45 8.87
C ARG B 98 -26.77 -4.58 8.64
N ASP B 99 -27.40 -4.58 7.47
CA ASP B 99 -28.42 -5.59 7.17
C ASP B 99 -27.86 -6.84 6.47
N MET B 100 -26.63 -7.21 6.82
CA MET B 100 -26.03 -8.42 6.27
C MET B 100 -27.01 -9.59 6.42
N ARG C 1 -2.79 -20.48 36.61
CA ARG C 1 -1.48 -19.94 36.97
C ARG C 1 -0.49 -20.05 35.83
N PHE C 2 0.28 -18.98 35.62
CA PHE C 2 1.29 -18.94 34.57
C PHE C 2 2.37 -19.98 34.83
N PRO C 3 2.85 -20.64 33.77
CA PRO C 3 3.85 -21.70 33.92
C PRO C 3 5.17 -21.19 34.49
N LEU C 4 6.00 -22.13 34.95
CA LEU C 4 7.36 -21.87 35.40
C LEU C 4 8.30 -22.06 34.21
N THR C 5 8.89 -20.98 33.72
CA THR C 5 9.57 -21.06 32.43
C THR C 5 11.07 -20.80 32.47
N PHE C 6 11.65 -20.73 33.67
CA PHE C 6 13.07 -20.49 33.80
C PHE C 6 13.92 -21.42 32.93
N GLY C 7 13.47 -22.66 32.77
CA GLY C 7 14.23 -23.64 32.01
C GLY C 7 14.02 -23.63 30.51
N TRP C 8 13.13 -22.76 30.03
CA TRP C 8 12.79 -22.75 28.61
C TRP C 8 13.78 -21.93 27.77
N CYS C 9 15.07 -22.15 27.97
CA CYS C 9 16.09 -21.43 27.21
C CYS C 9 16.44 -22.17 25.92
N PHE C 10 16.40 -21.46 24.80
CA PHE C 10 16.64 -22.07 23.48
C PHE C 10 18.09 -22.51 23.32
N GLY D 2 -12.07 23.71 -20.41
CA GLY D 2 -10.93 24.51 -20.01
C GLY D 2 -10.00 24.80 -21.16
N SER D 3 -8.83 25.34 -20.86
CA SER D 3 -7.85 25.68 -21.89
C SER D 3 -7.03 24.46 -22.27
N HIS D 4 -6.30 24.56 -23.38
CA HIS D 4 -5.49 23.46 -23.87
C HIS D 4 -4.20 23.97 -24.47
N SER D 5 -3.26 23.05 -24.67
CA SER D 5 -1.96 23.42 -25.21
C SER D 5 -1.50 22.40 -26.23
N MET D 6 -0.66 22.86 -27.14
CA MET D 6 0.09 21.96 -28.00
C MET D 6 1.56 22.34 -27.92
N ARG D 7 2.41 21.33 -27.75
CA ARG D 7 3.85 21.55 -27.66
C ARG D 7 4.60 20.57 -28.54
N TYR D 8 5.58 21.07 -29.29
CA TYR D 8 6.58 20.20 -29.89
C TYR D 8 7.90 20.45 -29.19
N PHE D 9 8.59 19.37 -28.82
CA PHE D 9 9.94 19.45 -28.27
C PHE D 9 10.88 18.70 -29.20
N SER D 10 12.09 19.22 -29.40
CA SER D 10 13.13 18.42 -30.01
C SER D 10 14.42 18.55 -29.21
N THR D 11 15.22 17.48 -29.19
CA THR D 11 16.50 17.48 -28.52
C THR D 11 17.58 16.94 -29.44
N SER D 12 18.64 17.72 -29.62
CA SER D 12 19.77 17.30 -30.44
C SER D 12 21.00 17.19 -29.54
N VAL D 13 21.66 16.04 -29.57
CA VAL D 13 22.85 15.82 -28.76
C VAL D 13 24.02 15.39 -29.63
N SER D 14 25.07 16.21 -29.67
CA SER D 14 26.24 15.90 -30.48
C SER D 14 27.04 14.78 -29.84
N ARG D 15 27.69 13.98 -30.68
CA ARG D 15 28.46 12.84 -30.21
C ARG D 15 29.71 12.70 -31.05
N PRO D 16 30.77 13.43 -30.68
CA PRO D 16 32.03 13.41 -31.43
C PRO D 16 32.54 11.98 -31.58
N GLY D 17 32.86 11.60 -32.82
CA GLY D 17 33.41 10.28 -33.08
C GLY D 17 32.37 9.17 -33.12
N ARG D 18 31.11 9.54 -32.91
CA ARG D 18 30.03 8.55 -32.93
C ARG D 18 28.94 8.87 -33.95
N GLY D 19 29.27 9.68 -34.95
CA GLY D 19 28.34 9.96 -36.03
C GLY D 19 27.56 11.25 -35.91
N GLU D 20 26.35 11.25 -36.47
CA GLU D 20 25.48 12.41 -36.45
C GLU D 20 24.91 12.63 -35.05
N PRO D 21 24.54 13.87 -34.71
CA PRO D 21 23.91 14.10 -33.42
C PRO D 21 22.65 13.25 -33.25
N ARG D 22 22.38 12.82 -32.02
CA ARG D 22 21.15 12.12 -31.70
C ARG D 22 20.01 13.12 -31.77
N PHE D 23 18.92 12.77 -32.44
CA PHE D 23 17.79 13.68 -32.56
C PHE D 23 16.47 12.98 -32.21
N ILE D 24 15.81 13.48 -31.18
CA ILE D 24 14.52 12.96 -30.75
C ILE D 24 13.52 14.12 -30.65
N ALA D 25 12.43 14.01 -31.40
CA ALA D 25 11.36 15.01 -31.35
C ALA D 25 10.06 14.38 -30.88
N VAL D 26 9.25 15.16 -30.18
CA VAL D 26 8.00 14.64 -29.65
C VAL D 26 6.92 15.72 -29.73
N GLY D 27 5.67 15.30 -29.87
CA GLY D 27 4.55 16.22 -29.89
C GLY D 27 3.53 15.87 -28.84
N TYR D 28 2.98 16.90 -28.19
CA TYR D 28 1.97 16.72 -27.15
C TYR D 28 0.75 17.61 -27.38
N VAL D 29 -0.41 17.11 -27.00
CA VAL D 29 -1.56 17.97 -26.72
C VAL D 29 -1.86 17.81 -25.24
N ASP D 30 -1.81 18.90 -24.51
CA ASP D 30 -1.86 18.85 -23.05
C ASP D 30 -0.83 17.84 -22.57
N ASP D 31 -1.26 16.87 -21.77
CA ASP D 31 -0.33 15.89 -21.23
C ASP D 31 -0.36 14.57 -21.99
N THR D 32 -0.83 14.64 -23.23
CA THR D 32 -0.95 13.45 -24.06
C THR D 32 -0.04 13.51 -25.29
N GLN D 33 0.97 12.65 -25.33
CA GLN D 33 1.86 12.57 -26.49
C GLN D 33 1.10 11.98 -27.68
N PHE D 34 1.34 12.51 -28.87
CA PHE D 34 0.66 11.99 -30.05
C PHE D 34 1.56 11.68 -31.25
N VAL D 35 2.78 12.22 -31.25
CA VAL D 35 3.77 11.87 -32.28
C VAL D 35 5.19 11.79 -31.72
N ARG D 36 6.08 11.14 -32.46
CA ARG D 36 7.49 11.10 -32.12
C ARG D 36 8.36 10.89 -33.35
N PHE D 37 9.60 11.36 -33.25
CA PHE D 37 10.63 11.01 -34.22
C PHE D 37 11.93 10.76 -33.48
N ASP D 38 12.59 9.65 -33.82
CA ASP D 38 13.85 9.27 -33.20
C ASP D 38 14.88 8.89 -34.27
N SER D 39 15.94 9.68 -34.36
CA SER D 39 16.93 9.51 -35.42
C SER D 39 17.55 8.11 -35.45
N ASP D 40 17.55 7.45 -34.30
CA ASP D 40 18.19 6.15 -34.20
C ASP D 40 17.19 4.99 -34.35
N ALA D 41 15.93 5.32 -34.64
CA ALA D 41 14.93 4.30 -34.91
C ALA D 41 15.02 3.87 -36.37
N ALA D 42 14.39 2.76 -36.70
CA ALA D 42 14.53 2.18 -38.03
C ALA D 42 13.63 2.83 -39.07
N SER D 43 12.46 3.30 -38.64
CA SER D 43 11.48 3.85 -39.58
C SER D 43 11.94 5.12 -40.28
N GLN D 44 12.67 5.97 -39.55
CA GLN D 44 13.04 7.30 -40.05
C GLN D 44 11.80 8.06 -40.50
N ARG D 45 10.70 7.86 -39.76
CA ARG D 45 9.44 8.56 -40.02
C ARG D 45 8.94 9.22 -38.73
N MET D 46 8.14 10.27 -38.87
CA MET D 46 7.33 10.73 -37.75
C MET D 46 6.31 9.63 -37.49
N GLU D 47 6.14 9.23 -36.23
CA GLU D 47 5.24 8.12 -35.92
C GLU D 47 4.13 8.54 -34.97
N PRO D 48 2.97 7.88 -35.07
CA PRO D 48 1.83 8.12 -34.19
C PRO D 48 2.04 7.52 -32.80
N ARG D 49 1.57 8.22 -31.78
CA ARG D 49 1.70 7.76 -30.39
C ARG D 49 0.39 7.92 -29.62
N ALA D 50 -0.67 8.28 -30.34
CA ALA D 50 -2.00 8.36 -29.78
C ALA D 50 -3.00 7.90 -30.83
N PRO D 51 -4.08 7.23 -30.40
CA PRO D 51 -5.06 6.64 -31.33
C PRO D 51 -5.67 7.66 -32.28
N TRP D 52 -5.96 8.85 -31.79
CA TRP D 52 -6.71 9.84 -32.55
C TRP D 52 -5.88 10.59 -33.60
N ILE D 53 -4.59 10.30 -33.68
CA ILE D 53 -3.76 10.88 -34.73
C ILE D 53 -3.60 9.86 -35.86
N GLU D 54 -3.96 8.62 -35.58
CA GLU D 54 -3.81 7.52 -36.54
C GLU D 54 -4.71 7.70 -37.76
N GLN D 55 -5.78 8.45 -37.59
CA GLN D 55 -6.72 8.70 -38.69
C GLN D 55 -6.17 9.67 -39.73
N GLU D 56 -5.07 10.34 -39.42
CA GLU D 56 -4.45 11.25 -40.38
C GLU D 56 -3.97 10.47 -41.59
N GLY D 57 -4.12 11.05 -42.77
CA GLY D 57 -3.78 10.38 -44.01
C GLY D 57 -2.29 10.24 -44.25
N PRO D 58 -1.91 9.48 -45.29
CA PRO D 58 -0.50 9.25 -45.65
C PRO D 58 0.23 10.55 -45.94
N GLU D 59 -0.47 11.53 -46.52
CA GLU D 59 0.12 12.82 -46.81
C GLU D 59 0.58 13.53 -45.54
N TYR D 60 -0.18 13.34 -44.46
CA TYR D 60 0.16 13.93 -43.16
C TYR D 60 1.53 13.46 -42.71
N TRP D 61 1.73 12.14 -42.72
CA TRP D 61 2.99 11.57 -42.26
C TRP D 61 4.15 11.94 -43.17
N ASP D 62 3.90 11.95 -44.48
CA ASP D 62 4.88 12.42 -45.46
C ASP D 62 5.41 13.80 -45.07
N GLU D 63 4.49 14.75 -44.92
CA GLU D 63 4.86 16.14 -44.65
C GLU D 63 5.43 16.37 -43.25
N GLU D 64 4.86 15.72 -42.25
CA GLU D 64 5.41 15.84 -40.90
C GLU D 64 6.83 15.26 -40.85
N THR D 65 7.03 14.15 -41.55
CA THR D 65 8.35 13.53 -41.58
C THR D 65 9.36 14.47 -42.25
N GLY D 66 8.94 15.08 -43.35
CA GLY D 66 9.79 16.00 -44.07
C GLY D 66 10.20 17.19 -43.22
N LYS D 67 9.24 17.76 -42.51
CA LYS D 67 9.52 18.91 -41.64
C LYS D 67 10.47 18.53 -40.49
N VAL D 68 10.15 17.46 -39.79
CA VAL D 68 10.92 17.08 -38.61
C VAL D 68 12.32 16.62 -38.99
N LYS D 69 12.46 15.93 -40.12
CA LYS D 69 13.78 15.53 -40.61
C LYS D 69 14.57 16.75 -41.05
N ALA D 70 13.90 17.70 -41.71
CA ALA D 70 14.55 18.95 -42.09
C ALA D 70 14.99 19.69 -40.83
N HIS D 71 14.17 19.64 -39.79
CA HIS D 71 14.54 20.32 -38.55
C HIS D 71 15.79 19.71 -37.92
N SER D 72 15.94 18.38 -38.03
CA SER D 72 17.09 17.72 -37.45
C SER D 72 18.39 18.26 -38.06
N GLN D 73 18.38 18.54 -39.36
CA GLN D 73 19.57 19.06 -40.02
C GLN D 73 19.81 20.52 -39.66
N THR D 74 18.72 21.27 -39.49
CA THR D 74 18.80 22.66 -39.05
C THR D 74 19.44 22.78 -37.67
N ASP D 75 18.99 21.96 -36.73
CA ASP D 75 19.57 22.00 -35.39
C ASP D 75 20.94 21.33 -35.34
N ARG D 76 21.22 20.46 -36.31
CA ARG D 76 22.54 19.88 -36.44
C ARG D 76 23.51 20.99 -36.76
N GLU D 77 23.09 21.87 -37.67
CA GLU D 77 23.90 23.01 -38.09
C GLU D 77 24.02 24.04 -36.97
N ASN D 78 22.90 24.30 -36.29
CA ASN D 78 22.89 25.20 -35.14
C ASN D 78 23.88 24.77 -34.04
N LEU D 79 24.01 23.47 -33.84
CA LEU D 79 24.97 22.95 -32.87
C LEU D 79 26.39 23.31 -33.27
N ARG D 80 26.68 23.23 -34.56
CA ARG D 80 28.01 23.62 -35.05
C ARG D 80 28.22 25.12 -34.90
N ILE D 81 27.20 25.91 -35.23
CA ILE D 81 27.26 27.34 -35.07
C ILE D 81 27.50 27.73 -33.62
N ALA D 82 26.76 27.09 -32.71
CA ALA D 82 26.91 27.37 -31.29
C ALA D 82 28.35 27.14 -30.83
N LEU D 83 28.98 26.09 -31.34
CA LEU D 83 30.38 25.82 -31.02
C LEU D 83 31.25 27.03 -31.34
N ARG D 84 31.04 27.60 -32.52
CA ARG D 84 31.76 28.80 -32.93
C ARG D 84 31.52 29.94 -31.96
N TYR D 85 30.26 30.30 -31.78
CA TYR D 85 29.88 31.43 -30.93
C TYR D 85 30.51 31.33 -29.55
N TYR D 86 30.55 30.12 -28.99
CA TYR D 86 31.03 29.92 -27.63
C TYR D 86 32.50 29.53 -27.60
N ASN D 87 33.11 29.43 -28.77
CA ASN D 87 34.51 29.04 -28.89
C ASN D 87 34.78 27.72 -28.16
N GLN D 88 33.99 26.70 -28.50
CA GLN D 88 34.13 25.41 -27.83
C GLN D 88 34.72 24.37 -28.79
N SER D 89 35.48 23.43 -28.24
CA SER D 89 36.13 22.42 -29.06
C SER D 89 35.09 21.44 -29.60
N GLU D 90 35.38 20.84 -30.76
CA GLU D 90 34.45 19.89 -31.36
C GLU D 90 34.60 18.48 -30.79
N ALA D 91 35.33 18.37 -29.69
CA ALA D 91 35.52 17.09 -29.02
C ALA D 91 34.46 16.85 -27.95
N GLY D 92 33.84 17.93 -27.47
CA GLY D 92 32.84 17.82 -26.42
C GLY D 92 31.45 17.54 -26.96
N SER D 93 30.60 16.95 -26.11
CA SER D 93 29.21 16.72 -26.48
C SER D 93 28.33 17.85 -25.97
N HIS D 94 27.42 18.33 -26.81
CA HIS D 94 26.56 19.46 -26.49
C HIS D 94 25.12 19.21 -26.87
N THR D 95 24.20 19.92 -26.22
CA THR D 95 22.78 19.69 -26.40
C THR D 95 22.06 20.94 -26.90
N LEU D 96 21.12 20.76 -27.82
CA LEU D 96 20.26 21.86 -28.24
C LEU D 96 18.81 21.44 -28.13
N GLN D 97 18.05 22.17 -27.33
CA GLN D 97 16.63 21.87 -27.14
C GLN D 97 15.76 22.97 -27.75
N MET D 98 14.72 22.55 -28.47
CA MET D 98 13.79 23.48 -29.07
C MET D 98 12.39 23.20 -28.54
N MET D 99 11.63 24.25 -28.25
CA MET D 99 10.22 24.10 -27.92
C MET D 99 9.37 25.07 -28.74
N PHE D 100 8.20 24.61 -29.15
CA PHE D 100 7.30 25.39 -29.97
C PHE D 100 5.87 24.97 -29.69
N GLY D 101 4.93 25.92 -29.71
CA GLY D 101 3.55 25.57 -29.53
C GLY D 101 2.64 26.71 -29.14
N CYS D 102 1.39 26.38 -28.81
CA CYS D 102 0.40 27.40 -28.55
C CYS D 102 -0.63 26.95 -27.52
N ASP D 103 -1.32 27.93 -26.92
CA ASP D 103 -2.42 27.64 -26.00
C ASP D 103 -3.71 28.25 -26.53
N VAL D 104 -4.82 27.62 -26.21
CA VAL D 104 -6.14 28.18 -26.51
C VAL D 104 -7.01 28.14 -25.27
N GLY D 105 -7.97 29.04 -25.18
CA GLY D 105 -8.91 29.08 -24.06
C GLY D 105 -10.05 28.10 -24.24
N SER D 106 -11.00 28.12 -23.30
CA SER D 106 -12.14 27.21 -23.33
C SER D 106 -12.96 27.37 -24.60
N ASP D 107 -12.95 28.59 -25.15
CA ASP D 107 -13.74 28.91 -26.34
C ASP D 107 -12.97 28.69 -27.65
N GLY D 108 -11.77 28.13 -27.54
CA GLY D 108 -10.95 27.85 -28.71
C GLY D 108 -10.07 29.02 -29.09
N ARG D 109 -10.32 30.17 -28.48
CA ARG D 109 -9.55 31.38 -28.72
C ARG D 109 -8.05 31.18 -28.51
N PHE D 110 -7.23 31.77 -29.39
CA PHE D 110 -5.80 31.80 -29.18
C PHE D 110 -5.50 32.50 -27.86
N LEU D 111 -4.55 31.94 -27.10
CA LEU D 111 -4.20 32.49 -25.81
C LEU D 111 -2.72 32.88 -25.75
N ARG D 112 -1.85 31.94 -26.14
CA ARG D 112 -0.41 32.12 -26.02
C ARG D 112 0.33 31.39 -27.14
N GLY D 113 1.46 31.94 -27.59
CA GLY D 113 2.35 31.24 -28.51
C GLY D 113 3.75 31.13 -27.93
N TYR D 114 4.49 30.10 -28.35
CA TYR D 114 5.84 29.88 -27.83
C TYR D 114 6.81 29.40 -28.91
N HIS D 115 8.06 29.85 -28.79
CA HIS D 115 9.13 29.43 -29.68
C HIS D 115 10.44 29.74 -28.99
N GLN D 116 11.13 28.72 -28.51
CA GLN D 116 12.33 28.97 -27.71
C GLN D 116 13.36 27.85 -27.78
N TYR D 117 14.59 28.19 -27.43
CA TYR D 117 15.72 27.29 -27.56
C TYR D 117 16.55 27.30 -26.30
N ALA D 118 17.15 26.16 -25.98
CA ALA D 118 18.12 26.07 -24.90
C ALA D 118 19.37 25.35 -25.39
N TYR D 119 20.53 25.86 -25.00
CA TYR D 119 21.80 25.22 -25.33
C TYR D 119 22.45 24.70 -24.06
N ASP D 120 22.84 23.43 -24.09
CA ASP D 120 23.38 22.78 -22.90
C ASP D 120 22.54 23.07 -21.65
N GLY D 121 21.22 22.99 -21.81
CA GLY D 121 20.30 23.05 -20.69
C GLY D 121 19.94 24.44 -20.18
N LYS D 122 20.48 25.48 -20.82
CA LYS D 122 20.21 26.85 -20.38
C LYS D 122 19.60 27.69 -21.50
N ASP D 123 18.69 28.59 -21.14
CA ASP D 123 18.09 29.53 -22.09
C ASP D 123 19.11 30.00 -23.12
N TYR D 124 18.74 29.93 -24.39
CA TYR D 124 19.53 30.54 -25.46
C TYR D 124 18.78 31.74 -26.02
N ILE D 125 17.69 31.48 -26.75
CA ILE D 125 16.84 32.56 -27.26
C ILE D 125 15.39 32.13 -27.19
N ALA D 126 14.48 33.09 -27.03
CA ALA D 126 13.06 32.78 -26.98
C ALA D 126 12.23 33.93 -27.53
N LEU D 127 11.06 33.59 -28.06
CA LEU D 127 10.09 34.57 -28.54
C LEU D 127 9.31 35.11 -27.35
N LYS D 128 9.27 36.44 -27.21
CA LYS D 128 8.55 37.04 -26.10
C LYS D 128 7.06 36.85 -26.26
N GLU D 129 6.32 37.03 -25.17
CA GLU D 129 4.88 36.83 -25.20
C GLU D 129 4.16 37.65 -26.27
N ASP D 130 4.67 38.84 -26.57
CA ASP D 130 4.00 39.67 -27.58
C ASP D 130 4.23 39.15 -29.01
N LEU D 131 5.06 38.11 -29.13
CA LEU D 131 5.36 37.48 -30.41
C LEU D 131 5.94 38.47 -31.43
N ARG D 132 6.58 39.52 -30.93
CA ARG D 132 7.14 40.54 -31.81
C ARG D 132 8.61 40.83 -31.52
N SER D 133 9.11 40.28 -30.44
CA SER D 133 10.50 40.52 -30.03
C SER D 133 11.11 39.29 -29.40
N TRP D 134 12.44 39.27 -29.32
CA TRP D 134 13.16 38.10 -28.80
C TRP D 134 13.87 38.40 -27.49
N THR D 135 14.00 37.39 -26.65
CA THR D 135 14.86 37.52 -25.48
C THR D 135 16.06 36.59 -25.60
N ALA D 136 17.24 37.19 -25.74
CA ALA D 136 18.48 36.44 -25.86
C ALA D 136 19.10 36.35 -24.48
N ALA D 137 19.67 35.19 -24.16
CA ALA D 137 20.15 34.95 -22.81
C ALA D 137 21.57 35.48 -22.59
N ASP D 138 22.34 35.56 -23.67
CA ASP D 138 23.73 35.97 -23.57
C ASP D 138 24.28 36.57 -24.86
N MET D 139 25.58 36.85 -24.87
CA MET D 139 26.27 37.45 -26.01
C MET D 139 26.04 36.67 -27.29
N ALA D 140 26.18 35.35 -27.21
CA ALA D 140 26.01 34.47 -28.36
C ALA D 140 24.61 34.56 -28.95
N ALA D 141 23.60 34.36 -28.09
CA ALA D 141 22.21 34.42 -28.55
C ALA D 141 21.86 35.80 -29.13
N GLN D 142 22.56 36.84 -28.70
CA GLN D 142 22.32 38.18 -29.22
C GLN D 142 22.66 38.25 -30.71
N ILE D 143 23.64 37.45 -31.11
CA ILE D 143 24.04 37.38 -32.51
C ILE D 143 22.91 36.79 -33.33
N THR D 144 22.37 35.67 -32.85
CA THR D 144 21.21 35.06 -33.49
C THR D 144 20.02 36.02 -33.50
N LYS D 145 19.83 36.73 -32.39
CA LYS D 145 18.72 37.64 -32.24
C LYS D 145 18.71 38.72 -33.33
N ARG D 146 19.87 39.32 -33.58
CA ARG D 146 19.99 40.32 -34.64
C ARG D 146 19.71 39.67 -36.00
N LYS D 147 20.20 38.46 -36.19
CA LYS D 147 19.92 37.73 -37.42
C LYS D 147 18.43 37.54 -37.67
N TRP D 148 17.73 37.06 -36.63
CA TRP D 148 16.31 36.76 -36.76
C TRP D 148 15.48 38.04 -36.88
N GLU D 149 15.94 39.11 -36.24
CA GLU D 149 15.32 40.41 -36.42
C GLU D 149 15.42 40.83 -37.89
N ALA D 150 16.62 40.74 -38.47
CA ALA D 150 16.82 41.11 -39.86
C ALA D 150 15.99 40.28 -40.81
N ALA D 151 15.82 39.00 -40.47
CA ALA D 151 15.11 38.06 -41.33
C ALA D 151 13.62 38.03 -41.07
N HIS D 152 13.16 38.85 -40.13
CA HIS D 152 11.73 38.97 -39.83
C HIS D 152 11.12 37.65 -39.38
N VAL D 153 11.92 36.82 -38.72
CA VAL D 153 11.45 35.52 -38.26
C VAL D 153 10.20 35.66 -37.38
N ALA D 154 10.20 36.64 -36.50
CA ALA D 154 9.11 36.81 -35.54
C ALA D 154 7.75 37.04 -36.18
N GLU D 155 7.69 37.86 -37.23
CA GLU D 155 6.41 38.11 -37.87
C GLU D 155 5.86 36.85 -38.54
N GLN D 156 6.75 36.02 -39.08
CA GLN D 156 6.34 34.75 -39.69
C GLN D 156 5.80 33.80 -38.63
N GLN D 157 6.51 33.71 -37.51
CA GLN D 157 6.13 32.78 -36.46
C GLN D 157 4.87 33.26 -35.74
N ARG D 158 4.74 34.56 -35.56
CA ARG D 158 3.51 35.10 -34.98
C ARG D 158 2.30 34.67 -35.78
N ALA D 159 2.33 34.89 -37.09
CA ALA D 159 1.20 34.56 -37.95
C ALA D 159 0.88 33.08 -37.84
N TYR D 160 1.93 32.26 -37.82
CA TYR D 160 1.79 30.81 -37.75
C TYR D 160 1.18 30.37 -36.41
N LEU D 161 1.69 30.93 -35.32
CA LEU D 161 1.20 30.59 -33.98
C LEU D 161 -0.27 30.96 -33.80
N GLU D 162 -0.65 32.14 -34.28
CA GLU D 162 -2.03 32.63 -34.15
C GLU D 162 -2.95 31.99 -35.18
N GLY D 163 -2.36 31.34 -36.18
CA GLY D 163 -3.13 30.73 -37.24
C GLY D 163 -2.98 29.21 -37.29
N THR D 164 -2.07 28.74 -38.12
CA THR D 164 -1.87 27.30 -38.32
C THR D 164 -1.81 26.51 -37.01
N CYS D 165 -1.04 27.00 -36.04
CA CYS D 165 -0.86 26.27 -34.78
C CYS D 165 -2.16 26.04 -34.03
N VAL D 166 -2.90 27.12 -33.78
CA VAL D 166 -4.16 27.01 -33.05
C VAL D 166 -5.23 26.32 -33.88
N ASP D 167 -5.16 26.48 -35.20
CA ASP D 167 -6.06 25.77 -36.08
C ASP D 167 -5.83 24.27 -35.93
N GLY D 168 -4.56 23.88 -35.96
CA GLY D 168 -4.19 22.48 -35.79
C GLY D 168 -4.61 21.95 -34.43
N LEU D 169 -4.36 22.74 -33.39
CA LEU D 169 -4.70 22.30 -32.03
C LEU D 169 -6.20 22.05 -31.90
N ARG D 170 -6.99 22.96 -32.44
CA ARG D 170 -8.44 22.83 -32.37
C ARG D 170 -8.91 21.58 -33.11
N ARG D 171 -8.22 21.25 -34.20
CA ARG D 171 -8.58 20.07 -34.98
C ARG D 171 -8.25 18.77 -34.22
N TYR D 172 -7.09 18.73 -33.59
CA TYR D 172 -6.71 17.55 -32.81
C TYR D 172 -7.67 17.34 -31.66
N LEU D 173 -8.05 18.44 -31.00
CA LEU D 173 -8.98 18.37 -29.88
C LEU D 173 -10.32 17.79 -30.31
N GLU D 174 -10.77 18.14 -31.51
CA GLU D 174 -12.00 17.57 -32.05
C GLU D 174 -11.83 16.09 -32.37
N ASN D 175 -10.79 15.76 -33.13
CA ASN D 175 -10.51 14.37 -33.47
C ASN D 175 -10.35 13.48 -32.24
N GLY D 176 -9.71 14.01 -31.20
CA GLY D 176 -9.47 13.26 -29.98
C GLY D 176 -10.41 13.63 -28.85
N LYS D 177 -11.57 14.15 -29.21
CA LYS D 177 -12.56 14.64 -28.25
C LYS D 177 -12.78 13.69 -27.06
N GLU D 178 -13.06 12.42 -27.35
CA GLU D 178 -13.46 11.47 -26.31
C GLU D 178 -12.41 11.27 -25.22
N THR D 179 -11.14 11.53 -25.55
CA THR D 179 -10.07 11.29 -24.58
C THR D 179 -9.37 12.56 -24.10
N LEU D 180 -9.13 13.50 -25.02
CA LEU D 180 -8.42 14.74 -24.68
C LEU D 180 -9.25 15.67 -23.80
N GLN D 181 -10.57 15.61 -23.94
CA GLN D 181 -11.45 16.49 -23.17
C GLN D 181 -11.70 15.98 -21.75
N ARG D 182 -11.21 14.77 -21.45
CA ARG D 182 -11.48 14.14 -20.17
C ARG D 182 -10.81 14.88 -19.01
N THR D 183 -11.39 14.73 -17.82
CA THR D 183 -10.76 15.24 -16.60
C THR D 183 -10.96 14.23 -15.47
N ASP D 184 -10.01 13.33 -15.32
CA ASP D 184 -10.08 12.27 -14.31
C ASP D 184 -9.66 12.77 -12.93
N PRO D 185 -10.56 12.68 -11.95
CA PRO D 185 -10.27 13.16 -10.60
C PRO D 185 -9.23 12.26 -9.93
N PRO D 186 -8.45 12.80 -8.98
CA PRO D 186 -7.49 11.92 -8.30
C PRO D 186 -8.24 10.98 -7.37
N LYS D 187 -7.81 9.72 -7.29
CA LYS D 187 -8.25 8.85 -6.21
C LYS D 187 -7.25 9.08 -5.09
N THR D 188 -7.75 9.40 -3.91
CA THR D 188 -6.85 9.78 -2.83
C THR D 188 -6.91 8.80 -1.66
N HIS D 189 -5.78 8.69 -0.96
CA HIS D 189 -5.73 7.93 0.26
C HIS D 189 -4.51 8.31 1.07
N MET D 190 -4.45 7.82 2.30
CA MET D 190 -3.35 8.16 3.18
C MET D 190 -2.68 6.88 3.65
N THR D 191 -1.35 6.92 3.75
CA THR D 191 -0.62 5.85 4.40
C THR D 191 0.02 6.38 5.67
N HIS D 192 0.39 5.48 6.57
CA HIS D 192 0.88 5.86 7.89
C HIS D 192 1.87 4.81 8.38
N HIS D 193 3.11 5.23 8.66
CA HIS D 193 4.14 4.31 9.13
C HIS D 193 4.96 4.92 10.26
N PRO D 194 5.01 4.23 11.42
CA PRO D 194 5.92 4.65 12.48
C PRO D 194 7.37 4.56 12.02
N ILE D 195 8.21 5.54 12.37
CA ILE D 195 9.63 5.45 12.04
C ILE D 195 10.48 5.34 13.30
N SER D 196 9.85 5.52 14.45
CA SER D 196 10.52 5.32 15.72
C SER D 196 9.43 5.24 16.79
N ASP D 197 9.82 5.40 18.04
CA ASP D 197 8.85 5.33 19.14
C ASP D 197 8.10 6.65 19.31
N HIS D 198 8.56 7.69 18.64
CA HIS D 198 7.96 9.01 18.84
C HIS D 198 7.59 9.76 17.55
N GLU D 199 7.93 9.18 16.41
CA GLU D 199 7.60 9.82 15.13
C GLU D 199 6.99 8.82 14.15
N ALA D 200 6.09 9.32 13.30
CA ALA D 200 5.49 8.53 12.24
C ALA D 200 5.42 9.34 10.95
N THR D 201 5.45 8.63 9.83
CA THR D 201 5.30 9.26 8.52
C THR D 201 3.83 9.24 8.11
N LEU D 202 3.31 10.39 7.70
CA LEU D 202 2.00 10.45 7.07
C LEU D 202 2.21 10.79 5.61
N ARG D 203 1.70 9.95 4.72
CA ARG D 203 1.84 10.22 3.30
C ARG D 203 0.48 10.32 2.61
N CYS D 204 0.27 11.44 1.92
CA CYS D 204 -0.98 11.72 1.25
C CYS D 204 -0.85 11.42 -0.23
N TRP D 205 -1.69 10.51 -0.73
CA TRP D 205 -1.58 10.02 -2.10
C TRP D 205 -2.66 10.55 -3.03
N ALA D 206 -2.29 10.82 -4.28
CA ALA D 206 -3.24 11.11 -5.33
C ALA D 206 -2.90 10.25 -6.54
N LEU D 207 -3.87 9.46 -6.98
CA LEU D 207 -3.64 8.51 -8.07
C LEU D 207 -4.68 8.61 -9.17
N GLY D 208 -4.30 8.18 -10.38
CA GLY D 208 -5.23 8.08 -11.49
C GLY D 208 -5.82 9.36 -12.03
N PHE D 209 -5.11 10.48 -11.87
CA PHE D 209 -5.65 11.77 -12.32
C PHE D 209 -5.11 12.25 -13.67
N TYR D 210 -5.92 13.06 -14.34
CA TYR D 210 -5.56 13.71 -15.59
C TYR D 210 -6.41 14.97 -15.72
N PRO D 211 -5.80 16.11 -16.12
CA PRO D 211 -4.39 16.29 -16.50
C PRO D 211 -3.44 16.24 -15.32
N ALA D 212 -2.14 16.40 -15.59
CA ALA D 212 -1.11 16.19 -14.57
C ALA D 212 -1.10 17.28 -13.50
N GLU D 213 -1.59 18.46 -13.85
CA GLU D 213 -1.60 19.58 -12.91
C GLU D 213 -2.38 19.23 -11.64
N ILE D 214 -1.74 19.41 -10.49
CA ILE D 214 -2.37 19.13 -9.21
C ILE D 214 -1.64 19.84 -8.08
N THR D 215 -2.33 20.08 -6.97
CA THR D 215 -1.70 20.66 -5.80
C THR D 215 -1.98 19.83 -4.54
N LEU D 216 -0.90 19.35 -3.91
CA LEU D 216 -0.99 18.64 -2.63
C LEU D 216 -0.37 19.51 -1.55
N THR D 217 -1.11 19.73 -0.47
CA THR D 217 -0.64 20.61 0.60
C THR D 217 -0.94 20.01 1.98
N TRP D 218 0.05 20.02 2.86
CA TRP D 218 -0.16 19.61 4.25
C TRP D 218 -0.32 20.83 5.15
N GLN D 219 -1.31 20.79 6.03
CA GLN D 219 -1.46 21.81 7.06
C GLN D 219 -1.35 21.17 8.44
N ARG D 220 -0.93 21.96 9.42
CA ARG D 220 -0.97 21.53 10.82
C ARG D 220 -1.75 22.57 11.58
N ASP D 221 -2.84 22.15 12.22
CA ASP D 221 -3.74 23.09 12.88
C ASP D 221 -4.02 24.27 11.96
N GLY D 222 -4.26 23.99 10.68
CA GLY D 222 -4.66 25.01 9.72
C GLY D 222 -3.54 25.83 9.10
N GLU D 223 -2.30 25.41 9.29
CA GLU D 223 -1.17 26.18 8.78
C GLU D 223 -0.32 25.36 7.82
N ASP D 224 -0.01 25.93 6.66
CA ASP D 224 0.82 25.24 5.67
C ASP D 224 2.14 24.76 6.27
N GLN D 225 2.49 23.50 6.01
CA GLN D 225 3.76 22.94 6.47
C GLN D 225 4.80 22.95 5.36
N THR D 226 4.80 24.03 4.57
CA THR D 226 5.64 24.14 3.39
C THR D 226 7.07 23.62 3.56
N GLN D 227 7.74 24.04 4.63
CA GLN D 227 9.16 23.76 4.79
C GLN D 227 9.47 22.36 5.32
N ASP D 228 8.45 21.64 5.76
CA ASP D 228 8.69 20.33 6.40
C ASP D 228 8.09 19.16 5.63
N THR D 229 7.51 19.46 4.46
CA THR D 229 6.84 18.44 3.67
C THR D 229 7.70 17.93 2.52
N GLU D 230 7.83 16.61 2.38
CA GLU D 230 8.47 16.03 1.21
C GLU D 230 7.45 15.80 0.09
N LEU D 231 7.72 16.40 -1.05
CA LEU D 231 6.78 16.37 -2.16
C LEU D 231 7.53 15.83 -3.38
N VAL D 232 7.05 14.72 -3.94
CA VAL D 232 7.69 14.12 -5.10
C VAL D 232 7.15 14.73 -6.40
N GLU D 233 7.94 14.64 -7.47
CA GLU D 233 7.51 15.14 -8.76
C GLU D 233 6.31 14.34 -9.24
N THR D 234 5.38 15.02 -9.91
CA THR D 234 4.23 14.37 -10.52
C THR D 234 4.72 13.36 -11.56
N ARG D 235 4.16 12.15 -11.54
CA ARG D 235 4.73 11.05 -12.33
C ARG D 235 3.66 10.31 -13.13
N PRO D 236 4.03 9.81 -14.32
CA PRO D 236 3.05 9.10 -15.16
C PRO D 236 2.83 7.67 -14.66
N ALA D 237 1.57 7.23 -14.62
CA ALA D 237 1.27 5.85 -14.26
C ALA D 237 1.64 4.91 -15.41
N GLY D 238 1.63 5.45 -16.62
CA GLY D 238 1.90 4.65 -17.81
C GLY D 238 0.65 4.37 -18.62
N ASP D 239 -0.51 4.59 -18.01
CA ASP D 239 -1.79 4.34 -18.67
C ASP D 239 -2.47 5.63 -19.10
N GLY D 240 -1.73 6.73 -19.06
CA GLY D 240 -2.28 8.02 -19.45
C GLY D 240 -2.65 8.92 -18.27
N THR D 241 -2.65 8.36 -17.06
CA THR D 241 -2.93 9.14 -15.86
C THR D 241 -1.65 9.40 -15.07
N PHE D 242 -1.76 10.18 -14.00
CA PHE D 242 -0.58 10.56 -13.23
C PHE D 242 -0.76 10.29 -11.74
N GLN D 243 0.35 10.40 -11.00
CA GLN D 243 0.38 10.11 -9.59
C GLN D 243 1.22 11.16 -8.88
N LYS D 244 0.97 11.34 -7.60
CA LYS D 244 1.80 12.23 -6.79
C LYS D 244 1.53 11.94 -5.32
N TRP D 245 2.54 12.15 -4.48
CA TRP D 245 2.29 12.14 -3.05
C TRP D 245 3.03 13.24 -2.30
N ALA D 246 2.58 13.50 -1.09
CA ALA D 246 3.21 14.46 -0.20
C ALA D 246 3.24 13.82 1.16
N ALA D 247 4.35 13.94 1.86
CA ALA D 247 4.49 13.29 3.16
C ALA D 247 5.03 14.25 4.20
N VAL D 248 4.67 14.00 5.46
CA VAL D 248 5.19 14.77 6.58
C VAL D 248 5.53 13.82 7.72
N VAL D 249 6.58 14.14 8.46
CA VAL D 249 6.95 13.36 9.63
C VAL D 249 6.32 14.01 10.85
N VAL D 250 5.58 13.20 11.61
CA VAL D 250 4.67 13.70 12.64
C VAL D 250 4.97 13.06 13.99
N PRO D 251 4.90 13.85 15.08
CA PRO D 251 5.06 13.24 16.41
C PRO D 251 3.94 12.23 16.67
N SER D 252 4.30 11.03 17.09
CA SER D 252 3.30 10.00 17.38
C SER D 252 2.21 10.50 18.30
N GLY D 253 0.96 10.22 17.94
CA GLY D 253 -0.17 10.66 18.73
C GLY D 253 -0.75 12.00 18.30
N GLU D 254 -0.03 12.71 17.43
CA GLU D 254 -0.48 14.02 16.98
C GLU D 254 -0.98 14.02 15.53
N GLU D 255 -1.19 12.82 14.99
CA GLU D 255 -1.65 12.68 13.62
C GLU D 255 -2.87 13.56 13.28
N GLN D 256 -3.80 13.67 14.22
CA GLN D 256 -5.07 14.36 13.94
C GLN D 256 -4.91 15.87 13.74
N ARG D 257 -3.76 16.43 14.09
CA ARG D 257 -3.52 17.85 13.87
C ARG D 257 -3.22 18.16 12.40
N TYR D 258 -2.92 17.11 11.64
CA TYR D 258 -2.47 17.30 10.27
C TYR D 258 -3.54 16.99 9.24
N THR D 259 -3.64 17.84 8.23
CA THR D 259 -4.61 17.67 7.14
C THR D 259 -3.92 17.81 5.79
N CYS D 260 -4.27 16.94 4.86
CA CYS D 260 -3.78 17.05 3.49
C CYS D 260 -4.87 17.63 2.60
N HIS D 261 -4.50 18.59 1.77
CA HIS D 261 -5.47 19.26 0.91
C HIS D 261 -5.12 19.01 -0.55
N VAL D 262 -6.10 18.51 -1.31
CA VAL D 262 -5.88 18.14 -2.70
C VAL D 262 -6.73 19.00 -3.62
N GLN D 263 -6.07 19.67 -4.55
CA GLN D 263 -6.77 20.48 -5.55
C GLN D 263 -6.47 19.95 -6.93
N HIS D 264 -7.52 19.79 -7.74
CA HIS D 264 -7.38 19.30 -9.11
C HIS D 264 -8.58 19.73 -9.94
N GLU D 265 -8.36 19.93 -11.23
CA GLU D 265 -9.38 20.39 -12.15
C GLU D 265 -10.62 19.50 -12.18
N GLY D 266 -10.42 18.21 -11.92
CA GLY D 266 -11.50 17.23 -11.99
C GLY D 266 -12.36 17.11 -10.76
N LEU D 267 -11.97 17.79 -9.68
CA LEU D 267 -12.73 17.75 -8.43
C LEU D 267 -13.81 18.83 -8.39
N PRO D 268 -15.03 18.45 -7.94
CA PRO D 268 -16.05 19.46 -7.69
C PRO D 268 -15.56 20.46 -6.65
N LYS D 269 -15.02 19.93 -5.55
CA LYS D 269 -14.43 20.76 -4.51
C LYS D 269 -13.09 20.16 -4.09
N PRO D 270 -12.19 21.00 -3.55
CA PRO D 270 -10.91 20.50 -3.02
C PRO D 270 -11.16 19.45 -1.93
N LEU D 271 -10.28 18.48 -1.82
CA LEU D 271 -10.42 17.43 -0.82
C LEU D 271 -9.56 17.68 0.40
N THR D 272 -10.02 17.18 1.55
CA THR D 272 -9.23 17.21 2.77
C THR D 272 -9.11 15.80 3.34
N LEU D 273 -7.86 15.39 3.59
CA LEU D 273 -7.58 14.06 4.13
C LEU D 273 -7.00 14.22 5.53
N ARG D 274 -7.49 13.41 6.48
CA ARG D 274 -6.98 13.42 7.84
C ARG D 274 -6.88 11.97 8.33
N TRP D 275 -5.73 11.61 8.91
CA TRP D 275 -5.56 10.27 9.45
C TRP D 275 -6.30 10.14 10.77
N MET E 1 29.34 24.25 -18.16
CA MET E 1 28.01 23.65 -18.25
C MET E 1 27.56 23.10 -16.89
N ILE E 2 26.29 23.34 -16.57
CA ILE E 2 25.73 22.90 -15.31
C ILE E 2 25.03 21.55 -15.48
N GLN E 3 25.33 20.62 -14.57
CA GLN E 3 24.73 19.29 -14.58
C GLN E 3 23.64 19.19 -13.52
N ARG E 4 22.68 18.31 -13.76
CA ARG E 4 21.59 18.10 -12.80
C ARG E 4 21.34 16.60 -12.62
N THR E 5 21.40 16.15 -11.39
CA THR E 5 21.27 14.72 -11.09
C THR E 5 19.80 14.30 -11.16
N PRO E 6 19.54 13.08 -11.63
CA PRO E 6 18.17 12.60 -11.78
C PRO E 6 17.44 12.40 -10.45
N LYS E 7 16.16 12.76 -10.43
CA LYS E 7 15.26 12.35 -9.37
C LYS E 7 14.69 11.02 -9.82
N ILE E 8 14.70 10.04 -8.95
CA ILE E 8 14.39 8.66 -9.33
C ILE E 8 13.25 8.13 -8.49
N GLN E 9 12.21 7.65 -9.15
CA GLN E 9 11.07 7.05 -8.46
C GLN E 9 10.78 5.69 -9.07
N VAL E 10 10.68 4.68 -8.22
CA VAL E 10 10.33 3.33 -8.65
C VAL E 10 8.99 2.95 -8.00
N TYR E 11 8.05 2.50 -8.82
CA TYR E 11 6.70 2.28 -8.33
C TYR E 11 5.90 1.43 -9.30
N SER E 12 4.75 0.94 -8.85
CA SER E 12 3.86 0.19 -9.71
C SER E 12 2.75 1.11 -10.21
N ARG E 13 2.17 0.78 -11.36
CA ARG E 13 1.06 1.55 -11.89
C ARG E 13 -0.13 1.55 -10.94
N HIS E 14 -0.44 0.38 -10.39
CA HIS E 14 -1.51 0.26 -9.40
C HIS E 14 -0.95 -0.23 -8.07
N PRO E 15 -1.67 0.02 -6.97
CA PRO E 15 -1.19 -0.53 -5.70
C PRO E 15 -0.97 -2.03 -5.81
N ALA E 16 0.23 -2.49 -5.45
CA ALA E 16 0.62 -3.88 -5.62
C ALA E 16 -0.28 -4.84 -4.87
N GLU E 17 -0.67 -5.92 -5.57
CA GLU E 17 -1.37 -7.05 -4.95
C GLU E 17 -0.73 -8.33 -5.46
N ASN E 18 -0.14 -9.11 -4.57
CA ASN E 18 0.51 -10.35 -4.98
C ASN E 18 -0.40 -11.19 -5.86
N GLY E 19 0.10 -11.61 -7.02
CA GLY E 19 -0.66 -12.45 -7.93
C GLY E 19 -1.45 -11.69 -8.98
N LYS E 20 -1.53 -10.37 -8.84
CA LYS E 20 -2.26 -9.55 -9.80
C LYS E 20 -1.30 -8.83 -10.76
N SER E 21 -1.53 -9.00 -12.05
CA SER E 21 -0.68 -8.39 -13.06
C SER E 21 -0.65 -6.87 -12.91
N ASN E 22 0.49 -6.27 -13.26
CA ASN E 22 0.72 -4.85 -12.97
C ASN E 22 1.81 -4.32 -13.91
N PHE E 23 2.27 -3.11 -13.63
CA PHE E 23 3.40 -2.53 -14.35
C PHE E 23 4.37 -1.91 -13.37
N LEU E 24 5.65 -2.23 -13.54
CA LEU E 24 6.71 -1.68 -12.70
C LEU E 24 7.32 -0.47 -13.42
N ASN E 25 7.28 0.69 -12.79
CA ASN E 25 7.79 1.92 -13.39
C ASN E 25 9.05 2.45 -12.72
N CYS E 26 9.96 3.00 -13.52
CA CYS E 26 11.04 3.80 -12.99
C CYS E 26 11.06 5.12 -13.74
N TYR E 27 10.72 6.18 -13.03
CA TYR E 27 10.61 7.50 -13.61
C TYR E 27 11.81 8.33 -13.18
N VAL E 28 12.56 8.82 -14.15
CA VAL E 28 13.72 9.66 -13.89
C VAL E 28 13.46 11.05 -14.47
N SER E 29 13.69 12.08 -13.66
CA SER E 29 13.33 13.44 -14.07
C SER E 29 14.31 14.48 -13.54
N GLY E 30 14.22 15.69 -14.08
CA GLY E 30 15.01 16.81 -13.61
C GLY E 30 16.50 16.70 -13.85
N PHE E 31 16.89 15.90 -14.84
CA PHE E 31 18.31 15.64 -15.06
C PHE E 31 18.88 16.27 -16.33
N HIS E 32 20.19 16.49 -16.31
CA HIS E 32 20.93 16.97 -17.47
C HIS E 32 22.40 16.61 -17.28
N PRO E 33 23.08 16.15 -18.34
CA PRO E 33 22.57 15.99 -19.71
C PRO E 33 21.63 14.80 -19.87
N SER E 34 21.16 14.57 -21.10
CA SER E 34 20.13 13.58 -21.35
C SER E 34 20.65 12.15 -21.39
N ASP E 35 21.94 11.98 -21.67
CA ASP E 35 22.52 10.64 -21.71
C ASP E 35 22.32 9.96 -20.37
N ILE E 36 21.65 8.82 -20.39
CA ILE E 36 21.34 8.11 -19.16
C ILE E 36 20.99 6.65 -19.47
N GLU E 37 21.32 5.77 -18.54
CA GLU E 37 20.96 4.36 -18.65
C GLU E 37 20.11 3.98 -17.45
N VAL E 38 18.97 3.36 -17.72
CA VAL E 38 18.06 2.98 -16.64
C VAL E 38 17.69 1.51 -16.81
N ASP E 39 17.94 0.72 -15.76
CA ASP E 39 17.63 -0.70 -15.79
C ASP E 39 16.74 -1.09 -14.63
N LEU E 40 15.80 -2.00 -14.88
CA LEU E 40 14.97 -2.57 -13.84
C LEU E 40 15.53 -3.91 -13.43
N LEU E 41 15.63 -4.15 -12.12
CA LEU E 41 16.21 -5.38 -11.63
C LEU E 41 15.17 -6.20 -10.87
N LYS E 42 15.15 -7.50 -11.14
CA LYS E 42 14.36 -8.45 -10.37
C LYS E 42 15.32 -9.36 -9.60
N ASN E 43 15.26 -9.29 -8.27
CA ASN E 43 16.19 -10.00 -7.40
C ASN E 43 17.64 -9.84 -7.83
N GLY E 44 18.02 -8.61 -8.17
CA GLY E 44 19.38 -8.30 -8.56
C GLY E 44 19.70 -8.56 -10.02
N GLU E 45 18.83 -9.28 -10.71
CA GLU E 45 19.05 -9.58 -12.13
C GLU E 45 18.33 -8.59 -13.03
N ARG E 46 19.04 -8.09 -14.04
CA ARG E 46 18.47 -7.13 -14.97
C ARG E 46 17.34 -7.74 -15.80
N ILE E 47 16.21 -7.07 -15.83
CA ILE E 47 15.06 -7.55 -16.59
C ILE E 47 15.27 -7.31 -18.09
N GLU E 48 15.10 -8.35 -18.89
CA GLU E 48 15.44 -8.26 -20.31
C GLU E 48 14.55 -7.29 -21.08
N LYS E 49 13.25 -7.49 -21.00
CA LYS E 49 12.33 -6.70 -21.80
C LYS E 49 11.76 -5.53 -21.01
N VAL E 50 12.39 -4.36 -21.19
CA VAL E 50 11.97 -3.13 -20.54
C VAL E 50 11.80 -2.04 -21.59
N GLU E 51 10.66 -1.37 -21.58
CA GLU E 51 10.42 -0.30 -22.55
C GLU E 51 10.56 1.07 -21.90
N HIS E 52 10.68 2.10 -22.72
CA HIS E 52 10.78 3.45 -22.19
C HIS E 52 10.11 4.50 -23.08
N SER E 53 9.83 5.66 -22.49
CA SER E 53 9.20 6.75 -23.21
C SER E 53 10.22 7.47 -24.09
N ASP E 54 9.73 8.31 -24.99
CA ASP E 54 10.59 9.14 -25.82
C ASP E 54 11.09 10.32 -25.00
N LEU E 55 12.38 10.62 -25.12
CA LEU E 55 12.99 11.73 -24.40
C LEU E 55 12.15 13.00 -24.48
N SER E 56 11.80 13.55 -23.33
CA SER E 56 11.06 14.80 -23.29
C SER E 56 11.65 15.66 -22.18
N PHE E 57 11.18 16.90 -22.04
CA PHE E 57 11.69 17.78 -20.99
C PHE E 57 10.63 18.71 -20.41
N SER E 58 10.93 19.23 -19.22
CA SER E 58 10.00 20.09 -18.49
C SER E 58 10.28 21.55 -18.79
N LYS E 59 9.49 22.44 -18.22
CA LYS E 59 9.58 23.86 -18.54
C LYS E 59 10.97 24.45 -18.24
N ASP E 60 11.66 23.88 -17.25
CA ASP E 60 13.00 24.35 -16.91
C ASP E 60 14.09 23.67 -17.77
N TRP E 61 13.66 23.01 -18.83
CA TRP E 61 14.55 22.34 -19.77
C TRP E 61 15.11 20.98 -19.30
N SER E 62 14.92 20.65 -18.03
CA SER E 62 15.45 19.38 -17.51
C SER E 62 14.69 18.18 -18.09
N PHE E 63 15.40 17.08 -18.28
CA PHE E 63 14.87 15.91 -18.98
C PHE E 63 14.11 14.93 -18.07
N TYR E 64 13.18 14.19 -18.65
CA TYR E 64 12.52 13.09 -17.96
C TYR E 64 12.26 11.89 -18.86
N LEU E 65 12.27 10.69 -18.26
CA LEU E 65 12.02 9.45 -18.97
C LEU E 65 11.27 8.47 -18.07
N LEU E 66 10.32 7.74 -18.66
CA LEU E 66 9.66 6.65 -17.94
C LEU E 66 10.14 5.32 -18.50
N TYR E 67 10.64 4.46 -17.61
CA TYR E 67 11.00 3.10 -17.96
C TYR E 67 10.00 2.16 -17.32
N TYR E 68 9.57 1.14 -18.04
CA TYR E 68 8.49 0.30 -17.54
C TYR E 68 8.48 -1.10 -18.13
N THR E 69 7.89 -2.03 -17.38
CA THR E 69 7.70 -3.39 -17.84
C THR E 69 6.53 -4.02 -17.10
N GLU E 70 5.79 -4.91 -17.76
CA GLU E 70 4.70 -5.58 -17.08
C GLU E 70 5.24 -6.65 -16.14
N PHE E 71 4.61 -6.81 -14.99
CA PHE E 71 5.05 -7.81 -14.04
C PHE E 71 3.92 -8.22 -13.13
N THR E 72 4.12 -9.31 -12.39
CA THR E 72 3.15 -9.78 -11.42
C THR E 72 3.85 -9.92 -10.08
N PRO E 73 3.58 -8.99 -9.16
CA PRO E 73 4.25 -8.99 -7.85
C PRO E 73 3.98 -10.28 -7.08
N THR E 74 5.00 -10.82 -6.42
CA THR E 74 4.83 -11.93 -5.50
C THR E 74 5.39 -11.50 -4.15
N GLU E 75 5.17 -12.30 -3.12
CA GLU E 75 5.62 -11.92 -1.79
C GLU E 75 7.15 -11.82 -1.70
N LYS E 76 7.85 -12.71 -2.38
CA LYS E 76 9.29 -12.85 -2.20
C LYS E 76 10.16 -12.05 -3.17
N ASP E 77 9.61 -11.74 -4.34
CA ASP E 77 10.37 -11.05 -5.38
C ASP E 77 10.71 -9.61 -5.01
N GLU E 78 11.99 -9.26 -5.09
CA GLU E 78 12.48 -7.91 -4.82
C GLU E 78 12.77 -7.21 -6.14
N TYR E 79 12.33 -5.95 -6.26
CA TYR E 79 12.57 -5.19 -7.47
C TYR E 79 13.30 -3.88 -7.16
N ALA E 80 14.04 -3.39 -8.16
CA ALA E 80 14.82 -2.18 -8.02
C ALA E 80 15.08 -1.54 -9.37
N CYS E 81 15.45 -0.28 -9.36
CA CYS E 81 15.78 0.44 -10.59
C CYS E 81 17.20 0.98 -10.48
N ARG E 82 18.02 0.65 -11.46
CA ARG E 82 19.41 1.08 -11.45
C ARG E 82 19.60 2.19 -12.46
N VAL E 83 20.06 3.34 -11.98
CA VAL E 83 20.22 4.53 -12.82
C VAL E 83 21.69 4.91 -12.99
N ASN E 84 22.13 4.95 -14.24
CA ASN E 84 23.52 5.25 -14.58
C ASN E 84 23.60 6.62 -15.27
N HIS E 85 24.24 7.59 -14.61
CA HIS E 85 24.30 8.97 -15.11
C HIS E 85 25.62 9.64 -14.75
N VAL E 86 26.06 10.59 -15.57
CA VAL E 86 27.37 11.22 -15.37
C VAL E 86 27.48 11.92 -14.01
N THR E 87 26.35 12.29 -13.43
CA THR E 87 26.34 12.96 -12.13
C THR E 87 26.51 11.99 -10.96
N LEU E 88 26.51 10.69 -11.27
CA LEU E 88 26.58 9.66 -10.24
C LEU E 88 27.89 8.86 -10.33
N SER E 89 28.71 8.95 -9.28
CA SER E 89 30.01 8.28 -9.29
C SER E 89 29.85 6.78 -9.45
N GLN E 90 28.80 6.24 -8.87
CA GLN E 90 28.39 4.86 -9.13
C GLN E 90 26.90 4.86 -9.36
N PRO E 91 26.41 3.95 -10.21
CA PRO E 91 24.97 3.91 -10.45
C PRO E 91 24.17 3.88 -9.14
N LYS E 92 23.07 4.62 -9.14
CA LYS E 92 22.17 4.66 -8.00
C LYS E 92 21.15 3.54 -8.17
N ILE E 93 21.01 2.70 -7.14
CA ILE E 93 20.05 1.64 -7.16
C ILE E 93 18.96 1.92 -6.14
N VAL E 94 17.73 2.10 -6.62
CA VAL E 94 16.61 2.40 -5.74
C VAL E 94 15.69 1.20 -5.64
N LYS E 95 15.46 0.73 -4.41
CA LYS E 95 14.62 -0.43 -4.19
C LYS E 95 13.15 -0.05 -4.28
N TRP E 96 12.34 -0.93 -4.84
CA TRP E 96 10.90 -0.70 -4.92
C TRP E 96 10.25 -0.90 -3.56
N ASP E 97 9.58 0.14 -3.08
CA ASP E 97 8.88 0.10 -1.81
C ASP E 97 7.39 0.16 -2.13
N ARG E 98 6.72 -0.97 -2.01
CA ARG E 98 5.34 -1.06 -2.49
C ARG E 98 4.35 -0.31 -1.60
N ASP E 99 4.51 -0.46 -0.29
CA ASP E 99 3.55 0.09 0.66
C ASP E 99 3.87 1.52 1.15
N MET E 100 4.35 2.37 0.24
CA MET E 100 4.64 3.75 0.61
C MET E 100 3.39 4.45 1.12
N ARG F 1 0.69 19.91 -35.98
CA ARG F 1 1.64 20.02 -37.05
C ARG F 1 2.95 20.64 -36.62
N PHE F 2 4.03 19.95 -36.94
CA PHE F 2 5.37 20.44 -36.66
C PHE F 2 5.61 21.76 -37.36
N PRO F 3 6.32 22.68 -36.69
CA PRO F 3 6.56 24.02 -37.26
C PRO F 3 7.47 24.01 -38.49
N LEU F 4 7.48 25.14 -39.21
CA LEU F 4 8.35 25.38 -40.35
C LEU F 4 9.61 26.06 -39.85
N THR F 5 10.73 25.35 -39.87
CA THR F 5 11.91 25.82 -39.16
C THR F 5 13.10 26.18 -40.04
N PHE F 6 12.89 26.22 -41.35
CA PHE F 6 13.96 26.59 -42.29
C PHE F 6 14.70 27.87 -41.90
N GLY F 7 13.96 28.86 -41.42
CA GLY F 7 14.56 30.14 -41.08
C GLY F 7 15.21 30.23 -39.70
N TRP F 8 15.18 29.13 -38.95
CA TRP F 8 15.69 29.14 -37.58
C TRP F 8 17.19 28.87 -37.50
N CYS F 9 17.97 29.55 -38.34
CA CYS F 9 19.43 29.39 -38.33
C CYS F 9 20.11 30.35 -37.35
N PHE F 10 20.94 29.80 -36.45
CA PHE F 10 21.62 30.60 -35.43
C PHE F 10 22.62 31.59 -36.03
#